data_5VVG
#
_entry.id   5VVG
#
_cell.length_a   57.410
_cell.length_b   106.050
_cell.length_c   155.820
_cell.angle_alpha   90.00
_cell.angle_beta   90.00
_cell.angle_gamma   90.00
#
_symmetry.space_group_name_H-M   'P 21 21 21'
#
loop_
_entity.id
_entity.type
_entity.pdbx_description
1 polymer 'Nitric oxide synthase, endothelial'
2 non-polymer 'PROTOPORPHYRIN IX CONTAINING FE'
3 non-polymer 5,6,7,8-TETRAHYDROBIOPTERIN
4 non-polymer 4-(2-{[(2-aminoquinolin-7-yl)methyl]amino}ethyl)-2-chlorobenzonitrile
5 non-polymer GLYCEROL
6 non-polymer 'CHLORIDE ION'
7 non-polymer 'ZINC ION'
8 water water
#
_entity_poly.entity_id   1
_entity_poly.type   'polypeptide(L)'
_entity_poly.pdbx_seq_one_letter_code
;RAPAPATPHAPDHSPAPNSPTLTRPPEGPKFPRVKNWELGSITYDTLCAQSQQDGPCTPRRCLGSLVLPRKLQTRPSPGP
PPAEQLLSQARDFINQYYSSIKRSGSQAHEERLQEVEAEVASTGTYHLRESELVFGAKQAWRNAPRCVGRIQWGKLQVFD
ARDCSSAQEMFTYICNHIKYATNRGNLRSAITVFPQRAPGRGDFRIWNSQLVRYAGYRQQDGSVRGDPANVEITELCIQH
GWTPGNGRFDVLPLLLQAPDEAPELFVLPPELVLEVPLEHPTLEWFAALGLRWYALPAVSNMLLEIGGLEFSAAPFSGWY
MSTEIGTRNLCDPHRYNILEDVAV(CAS)MDLDTRTTSSLWKDKAAVEINLAVLHSFQLAKVTIVDHHAATVSFMKHLDN
EQKARGGCPADWAWIVPPISGSLTPVFHQEMVNYILSPAFRYQPDPW
;
_entity_poly.pdbx_strand_id   A,B
#
loop_
_chem_comp.id
_chem_comp.type
_chem_comp.name
_chem_comp.formula
9PM non-polymer 4-(2-{[(2-aminoquinolin-7-yl)methyl]amino}ethyl)-2-chlorobenzonitrile 'C19 H17 Cl N4'
CL non-polymer 'CHLORIDE ION' 'Cl -1'
GOL non-polymer GLYCEROL 'C3 H8 O3'
H4B non-polymer 5,6,7,8-TETRAHYDROBIOPTERIN 'C9 H15 N5 O3'
HEM non-polymer 'PROTOPORPHYRIN IX CONTAINING FE' 'C34 H32 Fe N4 O4'
ZN non-polymer 'ZINC ION' 'Zn 2'
#
# COMPACT_ATOMS: atom_id res chain seq x y z
N GLY A 28 8.09 -25.22 -2.33
CA GLY A 28 8.44 -25.79 -3.61
C GLY A 28 9.59 -25.08 -4.30
N PRO A 29 9.27 -24.20 -5.27
CA PRO A 29 10.25 -23.35 -5.97
C PRO A 29 10.94 -22.32 -5.06
N LYS A 30 12.26 -22.15 -5.21
CA LYS A 30 13.02 -21.20 -4.39
C LYS A 30 12.97 -19.77 -4.96
N PHE A 31 11.77 -19.38 -5.34
CA PHE A 31 11.50 -18.03 -5.79
C PHE A 31 10.31 -17.55 -4.97
N PRO A 32 10.09 -16.23 -4.89
CA PRO A 32 8.96 -15.68 -4.14
C PRO A 32 7.62 -16.29 -4.58
N ARG A 33 6.86 -16.88 -3.66
CA ARG A 33 5.50 -17.28 -4.01
C ARG A 33 4.55 -16.10 -3.89
N VAL A 34 3.76 -15.89 -4.93
CA VAL A 34 2.92 -14.72 -5.09
C VAL A 34 1.45 -15.13 -5.16
N LYS A 35 0.63 -14.65 -4.24
CA LYS A 35 -0.78 -15.07 -4.19
C LYS A 35 -1.77 -13.95 -4.47
N ASN A 36 -2.80 -14.28 -5.24
CA ASN A 36 -3.97 -13.42 -5.39
C ASN A 36 -5.08 -13.93 -4.47
N TRP A 37 -5.57 -13.08 -3.58
CA TRP A 37 -6.50 -13.54 -2.53
C TRP A 37 -7.98 -13.46 -2.94
N GLU A 38 -8.26 -12.76 -4.04
CA GLU A 38 -9.58 -12.79 -4.65
C GLU A 38 -9.83 -14.15 -5.35
N LEU A 39 -8.88 -14.54 -6.19
CA LEU A 39 -9.03 -15.70 -7.07
C LEU A 39 -8.44 -16.96 -6.47
N GLY A 40 -7.61 -16.80 -5.45
CA GLY A 40 -6.98 -17.94 -4.78
C GLY A 40 -5.79 -18.49 -5.54
N SER A 41 -5.40 -17.82 -6.61
CA SER A 41 -4.34 -18.31 -7.49
C SER A 41 -2.94 -17.85 -7.06
N ILE A 42 -1.96 -18.65 -7.48
CA ILE A 42 -0.57 -18.59 -7.05
C ILE A 42 0.39 -18.47 -8.22
N THR A 43 1.34 -17.53 -8.16
CA THR A 43 2.46 -17.56 -9.10
C THR A 43 3.80 -17.49 -8.36
N TYR A 44 4.87 -17.77 -9.10
CA TYR A 44 6.23 -17.62 -8.60
C TYR A 44 6.97 -16.63 -9.47
N ASP A 45 7.74 -15.74 -8.83
CA ASP A 45 8.49 -14.73 -9.56
C ASP A 45 9.93 -15.21 -9.70
N THR A 46 10.32 -15.51 -10.94
CA THR A 46 11.69 -15.89 -11.24
C THR A 46 12.44 -14.72 -11.88
N LEU A 47 11.71 -13.69 -12.28
CA LEU A 47 12.30 -12.53 -12.91
C LEU A 47 13.19 -11.74 -11.94
N CYS A 48 12.77 -11.66 -10.67
CA CYS A 48 13.55 -11.01 -9.61
C CYS A 48 15.00 -11.53 -9.50
N ALA A 49 15.25 -12.74 -9.99
CA ALA A 49 16.60 -13.31 -10.01
C ALA A 49 17.56 -12.52 -10.91
N GLN A 50 17.02 -11.79 -11.88
CA GLN A 50 17.83 -10.95 -12.75
C GLN A 50 18.06 -9.55 -12.18
N SER A 51 17.59 -9.33 -10.95
CA SER A 51 17.81 -8.04 -10.32
C SER A 51 19.27 -7.91 -9.91
N GLN A 52 19.95 -6.89 -10.43
CA GLN A 52 21.35 -6.64 -10.13
C GLN A 52 21.53 -5.55 -9.07
N GLN A 53 20.42 -4.94 -8.66
CA GLN A 53 20.49 -3.77 -7.79
C GLN A 53 19.61 -3.87 -6.54
N ASP A 54 20.20 -3.56 -5.39
CA ASP A 54 19.50 -3.59 -4.11
C ASP A 54 18.44 -2.50 -3.94
N GLY A 55 17.33 -2.85 -3.31
CA GLY A 55 16.32 -1.89 -2.93
C GLY A 55 16.59 -1.45 -1.49
N PRO A 56 15.61 -0.77 -0.86
CA PRO A 56 15.80 -0.25 0.50
C PRO A 56 15.64 -1.26 1.65
N CYS A 57 15.04 -2.42 1.38
CA CYS A 57 14.66 -3.37 2.46
C CYS A 57 15.78 -4.32 2.86
N THR A 58 15.77 -4.72 4.14
CA THR A 58 16.65 -5.76 4.65
C THR A 58 15.76 -6.80 5.34
N PRO A 59 16.32 -7.97 5.73
CA PRO A 59 15.49 -8.92 6.50
C PRO A 59 14.98 -8.37 7.85
N ARG A 60 15.62 -7.34 8.39
CA ARG A 60 15.22 -6.79 9.69
C ARG A 60 14.12 -5.73 9.57
N ARG A 61 14.16 -4.94 8.51
CA ARG A 61 13.22 -3.82 8.29
C ARG A 61 12.79 -3.68 6.82
N CYS A 62 11.47 -3.61 6.60
CA CYS A 62 10.93 -3.31 5.28
C CYS A 62 10.69 -1.81 5.14
N LEU A 63 11.31 -1.22 4.11
CA LEU A 63 11.13 0.21 3.81
C LEU A 63 10.32 0.46 2.54
N GLY A 64 9.50 -0.50 2.14
CA GLY A 64 8.72 -0.38 0.90
C GLY A 64 7.74 0.79 0.82
N SER A 65 7.46 1.44 1.95
CA SER A 65 6.55 2.58 1.94
C SER A 65 7.26 3.93 1.82
N LEU A 66 8.59 3.93 1.79
CA LEU A 66 9.31 5.19 1.62
C LEU A 66 9.30 5.63 0.14
N VAL A 67 8.96 6.90 -0.11
CA VAL A 67 8.88 7.43 -1.47
C VAL A 67 10.26 7.50 -2.12
N LEU A 68 11.20 8.11 -1.40
CA LEU A 68 12.58 8.25 -1.88
C LEU A 68 13.58 7.81 -0.84
N PRO A 69 13.66 6.49 -0.58
CA PRO A 69 14.76 6.04 0.28
C PRO A 69 16.05 6.23 -0.49
N ARG A 70 17.18 6.40 0.20
CA ARG A 70 18.40 6.79 -0.52
C ARG A 70 18.92 5.67 -1.44
N LYS A 71 18.30 4.50 -1.37
CA LYS A 71 18.61 3.42 -2.31
C LYS A 71 17.72 3.48 -3.56
N LEU A 72 16.87 4.51 -3.61
CA LEU A 72 16.08 4.81 -4.81
C LEU A 72 16.51 6.16 -5.40
N GLN A 73 17.69 6.62 -5.00
CA GLN A 73 18.24 7.90 -5.42
C GLN A 73 19.61 7.72 -6.07
N THR A 74 20.02 8.63 -6.96
CA THR A 74 21.32 8.55 -7.62
C THR A 74 22.22 9.75 -7.24
N ARG A 75 23.45 9.76 -7.77
CA ARG A 75 24.39 10.86 -7.53
C ARG A 75 25.15 11.21 -8.81
N PRO A 76 25.12 12.50 -9.20
CA PRO A 76 25.71 12.95 -10.46
C PRO A 76 27.23 13.10 -10.41
N SER A 77 27.96 12.03 -10.71
CA SER A 77 29.42 12.11 -10.67
C SER A 77 29.94 12.67 -12.00
N PRO A 78 30.71 13.76 -11.95
CA PRO A 78 31.16 14.51 -13.13
C PRO A 78 32.19 13.72 -13.94
N GLY A 79 32.79 12.72 -13.29
CA GLY A 79 33.69 11.81 -13.96
C GLY A 79 33.00 10.53 -14.34
N PRO A 80 33.36 9.99 -15.52
CA PRO A 80 32.98 8.71 -16.14
C PRO A 80 32.88 7.57 -15.13
N PRO A 81 32.09 6.53 -15.47
CA PRO A 81 31.99 5.34 -14.62
C PRO A 81 33.23 4.46 -14.76
N PRO A 82 33.66 3.79 -13.68
CA PRO A 82 34.83 2.90 -13.78
C PRO A 82 34.60 1.87 -14.88
N ALA A 83 35.42 1.97 -15.93
CA ALA A 83 35.14 1.35 -17.23
C ALA A 83 34.57 -0.09 -17.17
N GLU A 84 34.97 -0.89 -16.18
CA GLU A 84 34.48 -2.26 -16.13
C GLU A 84 33.16 -2.37 -15.36
N GLN A 85 32.85 -1.41 -14.51
CA GLN A 85 31.47 -1.33 -14.05
C GLN A 85 30.53 -0.96 -15.23
N LEU A 86 30.97 0.00 -16.03
CA LEU A 86 30.25 0.38 -17.25
C LEU A 86 30.15 -0.79 -18.22
N LEU A 87 31.26 -1.49 -18.41
CA LEU A 87 31.30 -2.61 -19.34
C LEU A 87 30.34 -3.73 -18.98
N SER A 88 30.17 -3.99 -17.68
CA SER A 88 29.35 -5.12 -17.28
C SER A 88 27.87 -4.77 -17.45
N GLN A 89 27.54 -3.51 -17.19
CA GLN A 89 26.18 -3.02 -17.43
C GLN A 89 25.88 -3.00 -18.92
N ALA A 90 26.87 -2.58 -19.71
CA ALA A 90 26.74 -2.52 -21.15
C ALA A 90 26.53 -3.92 -21.74
N ARG A 91 27.35 -4.88 -21.32
CA ARG A 91 27.24 -6.26 -21.77
C ARG A 91 25.87 -6.82 -21.46
N ASP A 92 25.39 -6.54 -20.24
CA ASP A 92 24.09 -7.01 -19.82
C ASP A 92 23.01 -6.45 -20.74
N PHE A 93 23.06 -5.16 -21.03
CA PHE A 93 22.00 -4.57 -21.85
C PHE A 93 22.02 -5.12 -23.29
N ILE A 94 23.21 -5.23 -23.86
CA ILE A 94 23.37 -5.79 -25.20
C ILE A 94 22.82 -7.24 -25.31
N ASN A 95 23.07 -8.05 -24.29
CA ASN A 95 22.46 -9.38 -24.20
C ASN A 95 20.93 -9.31 -24.16
N GLN A 96 20.40 -8.39 -23.34
CA GLN A 96 18.96 -8.19 -23.29
C GLN A 96 18.45 -7.87 -24.68
N TYR A 97 19.21 -7.05 -25.40
CA TYR A 97 18.77 -6.58 -26.71
C TYR A 97 18.76 -7.70 -27.73
N TYR A 98 19.84 -8.48 -27.75
CA TYR A 98 19.91 -9.56 -28.73
C TYR A 98 18.99 -10.70 -28.38
N SER A 99 18.64 -10.82 -27.11
CA SER A 99 17.65 -11.80 -26.69
C SER A 99 16.29 -11.38 -27.18
N SER A 100 16.02 -10.10 -27.13
CA SER A 100 14.71 -9.58 -27.48
C SER A 100 14.44 -9.67 -28.99
N ILE A 101 15.50 -9.78 -29.80
CA ILE A 101 15.32 -9.99 -31.23
C ILE A 101 15.73 -11.41 -31.63
N LYS A 102 15.90 -12.25 -30.62
CA LYS A 102 16.21 -13.69 -30.75
C LYS A 102 17.47 -14.01 -31.57
N ARG A 103 18.49 -13.15 -31.46
CA ARG A 103 19.79 -13.40 -32.08
C ARG A 103 20.86 -13.57 -31.00
N SER A 104 20.40 -14.03 -29.83
CA SER A 104 21.29 -14.30 -28.72
C SER A 104 22.31 -15.40 -29.09
N GLY A 105 23.60 -15.09 -28.95
CA GLY A 105 24.67 -16.02 -29.27
C GLY A 105 25.20 -15.88 -30.69
N SER A 106 24.44 -15.16 -31.51
CA SER A 106 24.80 -14.96 -32.92
C SER A 106 26.08 -14.16 -33.09
N GLN A 107 26.62 -14.22 -34.30
CA GLN A 107 27.83 -13.49 -34.65
C GLN A 107 27.65 -11.97 -34.58
N ALA A 108 26.44 -11.50 -34.90
CA ALA A 108 26.13 -10.07 -34.81
C ALA A 108 26.12 -9.60 -33.36
N HIS A 109 25.62 -10.47 -32.50
CA HIS A 109 25.61 -10.27 -31.06
C HIS A 109 27.04 -10.15 -30.50
N GLU A 110 27.91 -11.10 -30.85
CA GLU A 110 29.28 -11.11 -30.35
C GLU A 110 30.11 -9.96 -30.95
N GLU A 111 29.73 -9.51 -32.14
CA GLU A 111 30.39 -8.39 -32.78
C GLU A 111 29.99 -7.06 -32.13
N ARG A 112 28.73 -6.98 -31.71
CA ARG A 112 28.24 -5.78 -31.05
C ARG A 112 28.92 -5.59 -29.70
N LEU A 113 29.07 -6.68 -28.96
CA LEU A 113 29.74 -6.63 -27.66
C LEU A 113 31.19 -6.16 -27.83
N GLN A 114 31.88 -6.73 -28.82
CA GLN A 114 33.26 -6.37 -29.09
C GLN A 114 33.39 -4.90 -29.43
N GLU A 115 32.47 -4.41 -30.24
CA GLU A 115 32.41 -3.02 -30.63
C GLU A 115 32.27 -2.08 -29.41
N VAL A 116 31.41 -2.47 -28.48
CA VAL A 116 31.19 -1.70 -27.25
C VAL A 116 32.41 -1.71 -26.33
N GLU A 117 33.02 -2.88 -26.15
CA GLU A 117 34.26 -3.02 -25.39
C GLU A 117 35.35 -2.11 -25.93
N ALA A 118 35.41 -2.02 -27.25
CA ALA A 118 36.36 -1.17 -27.94
C ALA A 118 36.10 0.30 -27.66
N GLU A 119 34.84 0.68 -27.80
CA GLU A 119 34.43 2.07 -27.66
C GLU A 119 34.70 2.56 -26.24
N VAL A 120 34.31 1.74 -25.27
CA VAL A 120 34.50 2.08 -23.87
C VAL A 120 35.98 2.16 -23.54
N ALA A 121 36.76 1.30 -24.18
CA ALA A 121 38.20 1.25 -23.94
C ALA A 121 38.92 2.54 -24.39
N SER A 122 38.57 3.07 -25.55
CA SER A 122 39.27 4.24 -26.08
C SER A 122 38.63 5.59 -25.73
N THR A 123 37.37 5.61 -25.32
CA THR A 123 36.73 6.89 -25.02
C THR A 123 36.08 6.93 -23.64
N GLY A 124 36.06 5.81 -22.93
CA GLY A 124 35.48 5.76 -21.59
C GLY A 124 33.99 5.57 -21.55
N THR A 125 33.33 5.73 -22.68
CA THR A 125 31.89 5.55 -22.77
C THR A 125 31.58 4.84 -24.07
N TYR A 126 30.30 4.69 -24.39
CA TYR A 126 29.92 4.17 -25.70
C TYR A 126 28.58 4.74 -26.14
N HIS A 127 28.17 4.40 -27.37
CA HIS A 127 26.92 4.92 -27.94
C HIS A 127 25.94 3.79 -28.29
N LEU A 128 24.66 4.08 -28.15
CA LEU A 128 23.63 3.11 -28.48
C LEU A 128 23.23 3.22 -29.94
N ARG A 129 23.05 2.09 -30.60
CA ARG A 129 22.39 2.12 -31.90
C ARG A 129 20.95 2.57 -31.68
N GLU A 130 20.30 3.02 -32.74
CA GLU A 130 18.95 3.57 -32.65
C GLU A 130 17.94 2.58 -32.09
N SER A 131 17.93 1.37 -32.62
CA SER A 131 16.94 0.39 -32.21
C SER A 131 17.25 -0.13 -30.81
N GLU A 132 18.50 -0.04 -30.40
CA GLU A 132 18.83 -0.32 -29.00
C GLU A 132 18.24 0.76 -28.10
N LEU A 133 18.29 2.01 -28.55
CA LEU A 133 17.70 3.09 -27.76
C LEU A 133 16.18 2.87 -27.63
N VAL A 134 15.51 2.58 -28.74
CA VAL A 134 14.08 2.28 -28.71
C VAL A 134 13.76 1.09 -27.79
N PHE A 135 14.58 0.04 -27.85
CA PHE A 135 14.33 -1.13 -27.01
C PHE A 135 14.52 -0.76 -25.55
N GLY A 136 15.56 0.02 -25.26
CA GLY A 136 15.83 0.46 -23.90
C GLY A 136 14.72 1.30 -23.29
N ALA A 137 14.21 2.27 -24.06
CA ALA A 137 13.17 3.17 -23.53
C ALA A 137 11.89 2.40 -23.17
N LYS A 138 11.50 1.45 -24.02
CA LYS A 138 10.35 0.60 -23.74
C LYS A 138 10.61 -0.31 -22.56
N GLN A 139 11.84 -0.79 -22.42
CA GLN A 139 12.16 -1.69 -21.33
C GLN A 139 12.15 -0.93 -20.01
N ALA A 140 12.69 0.28 -20.00
CA ALA A 140 12.65 1.11 -18.79
C ALA A 140 11.21 1.32 -18.28
N TRP A 141 10.28 1.56 -19.20
CA TRP A 141 8.89 1.74 -18.89
C TRP A 141 8.36 0.45 -18.33
N ARG A 142 8.63 -0.62 -19.07
CA ARG A 142 8.15 -1.95 -18.74
C ARG A 142 8.62 -2.36 -17.34
N ASN A 143 9.82 -1.89 -16.98
CA ASN A 143 10.42 -2.24 -15.70
C ASN A 143 10.01 -1.33 -14.54
N ALA A 144 9.24 -0.29 -14.80
CA ALA A 144 8.90 0.70 -13.76
C ALA A 144 7.85 0.17 -12.75
N PRO A 145 8.29 -0.18 -11.52
CA PRO A 145 7.42 -0.83 -10.53
C PRO A 145 6.24 0.01 -10.07
N ARG A 146 6.31 1.33 -10.23
CA ARG A 146 5.24 2.19 -9.74
C ARG A 146 4.24 2.58 -10.82
N CYS A 147 4.39 2.07 -12.04
CA CYS A 147 3.47 2.41 -13.11
C CYS A 147 2.36 1.39 -13.35
N VAL A 148 1.12 1.80 -13.12
CA VAL A 148 -0.03 0.94 -13.38
C VAL A 148 -0.41 0.94 -14.87
N GLY A 149 0.24 1.80 -15.65
CA GLY A 149 -0.11 1.96 -17.05
C GLY A 149 0.61 1.01 -17.99
N ARG A 150 1.33 0.04 -17.43
CA ARG A 150 2.29 -0.70 -18.23
C ARG A 150 1.73 -1.72 -19.23
N ILE A 151 0.41 -1.95 -19.26
CA ILE A 151 -0.16 -2.82 -20.32
C ILE A 151 0.23 -2.26 -21.71
N GLN A 152 0.49 -0.96 -21.74
CA GLN A 152 0.74 -0.21 -22.96
C GLN A 152 2.22 -0.13 -23.35
N TRP A 153 3.09 -0.77 -22.58
CA TRP A 153 4.54 -0.56 -22.69
C TRP A 153 5.15 -0.79 -24.09
N GLY A 154 4.55 -1.64 -24.91
CA GLY A 154 5.04 -1.84 -26.26
C GLY A 154 4.70 -0.71 -27.21
N LYS A 155 3.76 0.17 -26.84
CA LYS A 155 3.36 1.27 -27.72
C LYS A 155 3.90 2.59 -27.19
N LEU A 156 5.10 2.93 -27.63
CA LEU A 156 5.81 4.10 -27.17
C LEU A 156 6.49 4.72 -28.36
N GLN A 157 6.12 5.94 -28.72
CA GLN A 157 6.83 6.61 -29.78
C GLN A 157 8.14 7.14 -29.21
N VAL A 158 9.27 6.69 -29.76
CA VAL A 158 10.56 7.18 -29.28
C VAL A 158 11.14 8.21 -30.23
N PHE A 159 11.27 9.44 -29.74
CA PHE A 159 11.94 10.50 -30.49
C PHE A 159 13.41 10.59 -30.10
N ASP A 160 14.26 10.27 -31.06
CA ASP A 160 15.71 10.34 -30.88
C ASP A 160 16.19 11.76 -31.06
N ALA A 161 16.55 12.42 -29.96
CA ALA A 161 17.05 13.79 -30.00
C ALA A 161 18.49 13.90 -29.50
N ARG A 162 19.28 12.84 -29.69
CA ARG A 162 20.66 12.85 -29.25
C ARG A 162 21.57 13.73 -30.13
N ASP A 163 20.96 14.40 -31.11
CA ASP A 163 21.68 15.31 -31.98
C ASP A 163 21.60 16.74 -31.44
N CYS A 164 20.59 16.99 -30.60
CA CYS A 164 20.34 18.31 -30.01
C CYS A 164 21.57 18.94 -29.34
N SER A 165 21.83 20.21 -29.64
CA SER A 165 23.03 20.87 -29.13
C SER A 165 22.82 22.26 -28.51
N SER A 166 21.57 22.68 -28.35
CA SER A 166 21.30 23.94 -27.67
C SER A 166 20.00 23.88 -26.87
N ALA A 167 19.82 24.83 -25.96
CA ALA A 167 18.62 24.88 -25.13
C ALA A 167 17.42 25.22 -26.02
N GLN A 168 17.67 26.10 -26.98
CA GLN A 168 16.67 26.48 -27.98
C GLN A 168 16.16 25.25 -28.75
N GLU A 169 17.06 24.37 -29.15
CA GLU A 169 16.67 23.16 -29.87
C GLU A 169 15.88 22.23 -28.95
N MET A 170 16.27 22.12 -27.68
CA MET A 170 15.48 21.37 -26.69
C MET A 170 14.04 21.85 -26.67
N PHE A 171 13.87 23.17 -26.76
CA PHE A 171 12.53 23.73 -26.77
C PHE A 171 11.74 23.22 -27.97
N THR A 172 12.34 23.29 -29.16
CA THR A 172 11.71 22.80 -30.38
C THR A 172 11.35 21.31 -30.26
N TYR A 173 12.30 20.50 -29.79
CA TYR A 173 12.02 19.08 -29.54
C TYR A 173 10.87 18.84 -28.56
N ILE A 174 10.82 19.65 -27.49
CA ILE A 174 9.74 19.51 -26.51
C ILE A 174 8.36 19.89 -27.11
N CYS A 175 8.31 20.99 -27.86
CA CYS A 175 7.08 21.42 -28.53
C CYS A 175 6.60 20.35 -29.51
N ASN A 176 7.55 19.80 -30.26
CA ASN A 176 7.24 18.71 -31.17
C ASN A 176 6.64 17.51 -30.44
N HIS A 177 7.26 17.15 -29.32
CA HIS A 177 6.77 16.07 -28.47
C HIS A 177 5.33 16.35 -28.02
N ILE A 178 5.10 17.53 -27.44
CA ILE A 178 3.79 17.93 -26.94
C ILE A 178 2.71 17.89 -28.01
N LYS A 179 3.03 18.39 -29.20
CA LYS A 179 2.09 18.35 -30.31
C LYS A 179 1.73 16.92 -30.72
N TYR A 180 2.76 16.08 -30.91
CA TYR A 180 2.55 14.69 -31.26
C TYR A 180 1.80 13.92 -30.18
N ALA A 181 2.28 14.03 -28.94
CA ALA A 181 1.69 13.29 -27.83
C ALA A 181 0.25 13.72 -27.54
N THR A 182 -0.04 15.02 -27.66
CA THR A 182 -1.37 15.52 -27.34
C THR A 182 -2.41 15.11 -28.36
N ASN A 183 -2.06 15.27 -29.64
CA ASN A 183 -2.83 14.75 -30.77
C ASN A 183 -4.29 15.17 -30.70
N ARG A 184 -4.50 16.45 -30.36
CA ARG A 184 -5.83 17.03 -30.17
C ARG A 184 -6.74 16.23 -29.22
N GLY A 185 -6.16 15.66 -28.17
CA GLY A 185 -6.95 14.96 -27.16
C GLY A 185 -6.85 13.45 -27.28
N ASN A 186 -6.56 12.94 -28.48
CA ASN A 186 -6.36 11.51 -28.64
C ASN A 186 -4.90 11.14 -28.32
N LEU A 187 -4.60 11.05 -27.04
CA LEU A 187 -3.21 11.09 -26.56
C LEU A 187 -2.37 9.87 -26.98
N ARG A 188 -1.07 10.09 -27.17
CA ARG A 188 -0.17 9.05 -27.64
C ARG A 188 1.09 9.04 -26.79
N SER A 189 1.43 7.87 -26.25
CA SER A 189 2.63 7.75 -25.40
C SER A 189 3.90 8.07 -26.20
N ALA A 190 4.80 8.86 -25.62
CA ALA A 190 6.02 9.25 -26.31
C ALA A 190 7.14 9.60 -25.34
N ILE A 191 8.36 9.49 -25.83
CA ILE A 191 9.51 9.92 -25.07
C ILE A 191 10.47 10.60 -26.04
N THR A 192 11.08 11.68 -25.57
CA THR A 192 12.15 12.35 -26.33
C THR A 192 13.46 12.18 -25.57
N VAL A 193 14.49 11.74 -26.26
CA VAL A 193 15.76 11.42 -25.63
C VAL A 193 16.86 12.37 -26.09
N PHE A 194 17.29 13.22 -25.18
CA PHE A 194 18.36 14.19 -25.40
C PHE A 194 19.73 13.54 -25.10
N PRO A 195 20.85 14.19 -25.50
CA PRO A 195 22.14 13.50 -25.38
C PRO A 195 22.52 12.99 -23.97
N GLN A 196 23.16 11.83 -23.92
CA GLN A 196 23.54 11.19 -22.68
C GLN A 196 24.53 12.03 -21.87
N ARG A 197 24.68 11.73 -20.58
CA ARG A 197 25.79 12.27 -19.81
C ARG A 197 27.09 11.92 -20.50
N ALA A 198 27.99 12.90 -20.60
CA ALA A 198 29.28 12.67 -21.24
C ALA A 198 30.41 13.05 -20.28
N PRO A 199 31.50 12.28 -20.30
CA PRO A 199 32.68 12.51 -19.45
C PRO A 199 33.13 13.96 -19.51
N GLY A 200 33.25 14.60 -18.35
CA GLY A 200 33.71 15.99 -18.29
C GLY A 200 32.99 16.92 -19.24
N ARG A 201 31.69 17.03 -19.06
CA ARG A 201 30.81 17.88 -19.87
C ARG A 201 29.49 17.94 -19.12
N GLY A 202 28.87 19.11 -19.10
CA GLY A 202 27.66 19.32 -18.33
C GLY A 202 26.47 18.57 -18.90
N ASP A 203 25.52 18.25 -18.04
CA ASP A 203 24.34 17.51 -18.48
C ASP A 203 23.37 18.37 -19.29
N PHE A 204 22.59 17.72 -20.15
CA PHE A 204 21.32 18.27 -20.58
C PHE A 204 20.36 18.03 -19.42
N ARG A 205 19.64 19.07 -18.98
CA ARG A 205 18.62 18.92 -17.95
C ARG A 205 17.39 19.78 -18.25
N ILE A 206 16.23 19.21 -17.96
CA ILE A 206 15.02 20.01 -17.82
C ILE A 206 14.79 20.25 -16.32
N TRP A 207 14.69 21.50 -15.94
CA TRP A 207 14.59 21.82 -14.53
C TRP A 207 13.21 21.51 -13.99
N ASN A 208 12.18 21.66 -14.83
CA ASN A 208 10.83 21.41 -14.35
C ASN A 208 10.59 19.92 -14.21
N SER A 209 9.57 19.56 -13.43
CA SER A 209 9.34 18.19 -13.04
C SER A 209 8.36 17.59 -14.03
N GLN A 210 7.52 18.45 -14.58
CA GLN A 210 6.73 18.07 -15.74
C GLN A 210 6.80 19.18 -16.77
N LEU A 211 6.42 18.86 -18.01
CA LEU A 211 6.41 19.86 -19.06
C LEU A 211 5.27 20.84 -18.81
N VAL A 212 4.17 20.35 -18.24
CA VAL A 212 3.10 21.24 -17.82
C VAL A 212 2.91 21.19 -16.30
N ARG A 213 3.05 22.36 -15.67
CA ARG A 213 2.89 22.54 -14.24
C ARG A 213 2.23 23.88 -13.95
N TYR A 214 1.27 23.90 -13.04
CA TYR A 214 0.67 25.16 -12.63
C TYR A 214 1.55 25.80 -11.59
N ALA A 215 1.62 27.13 -11.60
CA ALA A 215 2.47 27.90 -10.67
C ALA A 215 1.98 27.81 -9.24
N GLY A 216 2.94 27.97 -8.31
CA GLY A 216 2.65 28.05 -6.91
C GLY A 216 3.24 29.33 -6.33
N TYR A 217 2.37 30.27 -6.01
CA TYR A 217 2.80 31.57 -5.47
C TYR A 217 2.63 31.61 -3.97
N ARG A 218 3.75 31.64 -3.24
CA ARG A 218 3.71 31.76 -1.79
C ARG A 218 3.18 33.14 -1.42
N GLN A 219 2.19 33.18 -0.54
CA GLN A 219 1.46 34.41 -0.27
C GLN A 219 2.04 35.23 0.87
N GLN A 220 1.66 36.51 0.87
CA GLN A 220 1.99 37.43 1.95
C GLN A 220 1.54 36.89 3.32
N ASP A 221 0.38 36.24 3.35
CA ASP A 221 -0.14 35.68 4.59
C ASP A 221 0.29 34.22 4.84
N GLY A 222 1.25 33.74 4.06
CA GLY A 222 1.81 32.43 4.32
C GLY A 222 1.22 31.28 3.53
N SER A 223 -0.01 31.43 3.07
CA SER A 223 -0.66 30.43 2.22
C SER A 223 0.00 30.35 0.84
N VAL A 224 -0.61 29.56 -0.05
CA VAL A 224 -0.11 29.45 -1.43
C VAL A 224 -1.25 29.58 -2.46
N ARG A 225 -1.08 30.47 -3.43
CA ARG A 225 -2.01 30.55 -4.54
C ARG A 225 -1.50 29.62 -5.66
N GLY A 226 -2.37 28.75 -6.15
CA GLY A 226 -1.97 27.79 -7.17
C GLY A 226 -1.57 26.44 -6.59
N ASP A 227 -0.56 25.80 -7.17
CA ASP A 227 -0.15 24.47 -6.77
C ASP A 227 1.06 24.51 -5.85
N PRO A 228 0.85 24.20 -4.55
CA PRO A 228 1.93 24.18 -3.56
C PRO A 228 3.08 23.25 -3.95
N ALA A 229 2.80 22.21 -4.74
CA ALA A 229 3.85 21.32 -5.18
C ALA A 229 4.93 22.07 -5.95
N ASN A 230 4.58 23.23 -6.50
CA ASN A 230 5.46 23.90 -7.46
C ASN A 230 6.01 25.23 -7.00
N VAL A 231 5.99 25.49 -5.70
CA VAL A 231 6.52 26.74 -5.16
C VAL A 231 7.96 26.94 -5.61
N GLU A 232 8.77 25.89 -5.46
CA GLU A 232 10.20 26.03 -5.66
C GLU A 232 10.57 26.29 -7.10
N ILE A 233 9.95 25.56 -8.01
CA ILE A 233 10.23 25.75 -9.43
C ILE A 233 9.70 27.13 -9.87
N THR A 234 8.57 27.55 -9.31
CA THR A 234 8.01 28.86 -9.62
C THR A 234 8.98 29.97 -9.22
N GLU A 235 9.50 29.88 -8.01
CA GLU A 235 10.45 30.88 -7.51
C GLU A 235 11.70 30.91 -8.38
N LEU A 236 12.15 29.72 -8.80
CA LEU A 236 13.29 29.61 -9.69
C LEU A 236 13.03 30.28 -11.03
N CYS A 237 11.82 30.10 -11.56
CA CYS A 237 11.47 30.74 -12.83
C CYS A 237 11.48 32.24 -12.69
N ILE A 238 11.00 32.71 -11.54
CA ILE A 238 10.98 34.13 -11.23
C ILE A 238 12.41 34.66 -11.11
N GLN A 239 13.24 33.97 -10.33
CA GLN A 239 14.65 34.32 -10.22
C GLN A 239 15.35 34.41 -11.58
N HIS A 240 15.00 33.51 -12.49
CA HIS A 240 15.64 33.49 -13.80
C HIS A 240 14.93 34.38 -14.79
N GLY A 241 13.97 35.17 -14.32
CA GLY A 241 13.44 36.25 -15.13
C GLY A 241 12.00 36.17 -15.59
N TRP A 242 11.28 35.11 -15.21
CA TRP A 242 9.87 35.02 -15.61
C TRP A 242 9.06 36.09 -14.91
N THR A 243 8.18 36.75 -15.65
CA THR A 243 7.20 37.63 -15.01
C THR A 243 6.00 36.80 -14.58
N PRO A 244 5.75 36.75 -13.27
CA PRO A 244 4.75 35.84 -12.69
C PRO A 244 3.34 36.37 -12.85
N GLY A 245 2.36 35.49 -12.95
CA GLY A 245 0.96 35.89 -12.92
C GLY A 245 0.47 35.83 -11.49
N ASN A 246 -0.83 35.63 -11.30
CA ASN A 246 -1.34 35.33 -9.97
C ASN A 246 -2.70 34.63 -10.00
N GLY A 247 -2.81 33.63 -10.88
CA GLY A 247 -3.98 32.77 -10.91
C GLY A 247 -3.74 31.48 -10.16
N ARG A 248 -4.75 30.61 -10.10
CA ARG A 248 -4.56 29.32 -9.47
C ARG A 248 -4.01 28.32 -10.46
N PHE A 249 -4.00 28.71 -11.74
CA PHE A 249 -3.70 27.78 -12.84
C PHE A 249 -2.85 28.40 -13.93
N ASP A 250 -1.85 29.18 -13.54
CA ASP A 250 -0.88 29.77 -14.46
C ASP A 250 0.13 28.70 -14.88
N VAL A 251 0.18 28.40 -16.17
CA VAL A 251 1.17 27.45 -16.68
C VAL A 251 2.58 28.04 -16.57
N LEU A 252 3.49 27.25 -16.03
CA LEU A 252 4.86 27.66 -15.82
C LEU A 252 5.64 27.66 -17.13
N PRO A 253 6.66 28.54 -17.24
CA PRO A 253 7.59 28.46 -18.37
C PRO A 253 8.54 27.29 -18.17
N LEU A 254 9.24 26.85 -19.20
CA LEU A 254 10.20 25.76 -19.03
C LEU A 254 11.56 26.35 -18.77
N LEU A 255 12.32 25.71 -17.91
CA LEU A 255 13.70 26.09 -17.66
C LEU A 255 14.59 25.01 -18.24
N LEU A 256 15.21 25.32 -19.38
CA LEU A 256 15.95 24.30 -20.13
C LEU A 256 17.44 24.57 -20.09
N GLN A 257 18.20 23.51 -19.88
CA GLN A 257 19.61 23.66 -19.63
C GLN A 257 20.45 22.77 -20.56
N ALA A 258 21.21 23.43 -21.43
CA ALA A 258 22.17 22.75 -22.29
C ALA A 258 23.49 22.67 -21.54
N PRO A 259 24.40 21.76 -21.95
CA PRO A 259 25.70 21.55 -21.31
C PRO A 259 26.50 22.80 -20.96
N ASP A 260 26.78 22.94 -19.66
CA ASP A 260 27.64 24.00 -19.13
C ASP A 260 27.13 25.40 -19.46
N GLU A 261 25.82 25.52 -19.64
CA GLU A 261 25.20 26.81 -19.86
C GLU A 261 24.16 27.04 -18.80
N ALA A 262 23.90 28.30 -18.46
CA ALA A 262 22.84 28.59 -17.51
C ALA A 262 21.52 28.16 -18.12
N PRO A 263 20.54 27.83 -17.27
CA PRO A 263 19.23 27.47 -17.85
C PRO A 263 18.61 28.66 -18.55
N GLU A 264 17.94 28.43 -19.67
CA GLU A 264 17.23 29.49 -20.36
C GLU A 264 15.74 29.29 -20.24
N LEU A 265 15.01 30.38 -20.35
CA LEU A 265 13.59 30.39 -20.08
C LEU A 265 12.79 30.32 -21.38
N PHE A 266 11.88 29.37 -21.45
CA PHE A 266 10.99 29.24 -22.60
C PHE A 266 9.51 29.16 -22.20
N VAL A 267 8.69 29.99 -22.82
CA VAL A 267 7.25 29.98 -22.58
C VAL A 267 6.55 29.12 -23.63
N LEU A 268 5.76 28.16 -23.17
CA LEU A 268 4.99 27.34 -24.10
C LEU A 268 3.84 28.18 -24.68
N PRO A 269 3.66 28.10 -26.00
CA PRO A 269 2.52 28.76 -26.65
C PRO A 269 1.23 28.15 -26.12
N PRO A 270 0.33 28.99 -25.61
CA PRO A 270 -0.87 28.47 -24.92
C PRO A 270 -1.65 27.43 -25.72
N GLU A 271 -1.56 27.49 -27.03
CA GLU A 271 -2.39 26.63 -27.86
C GLU A 271 -1.79 25.24 -27.93
N LEU A 272 -0.54 25.14 -27.54
CA LEU A 272 0.10 23.82 -27.44
C LEU A 272 -0.29 23.08 -26.16
N VAL A 273 -0.79 23.82 -25.17
CA VAL A 273 -1.10 23.23 -23.88
C VAL A 273 -2.58 22.98 -23.75
N LEU A 274 -3.03 21.77 -24.07
CA LEU A 274 -4.44 21.46 -24.00
C LEU A 274 -4.90 21.32 -22.53
N GLU A 275 -5.94 22.07 -22.16
CA GLU A 275 -6.50 21.95 -20.81
C GLU A 275 -7.98 21.59 -20.87
N VAL A 276 -8.45 21.01 -19.77
CA VAL A 276 -9.85 20.59 -19.64
C VAL A 276 -10.51 21.30 -18.47
N PRO A 277 -11.49 22.17 -18.73
CA PRO A 277 -12.24 22.76 -17.61
C PRO A 277 -13.10 21.69 -16.93
N LEU A 278 -13.18 21.72 -15.61
CA LEU A 278 -13.87 20.66 -14.90
C LEU A 278 -15.33 21.02 -14.65
N GLU A 279 -16.21 20.14 -15.09
CA GLU A 279 -17.61 20.26 -14.73
C GLU A 279 -18.09 18.90 -14.27
N HIS A 280 -19.25 18.87 -13.63
CA HIS A 280 -19.83 17.66 -13.09
C HIS A 280 -21.11 17.33 -13.86
N PRO A 281 -21.39 16.04 -14.12
CA PRO A 281 -22.54 15.65 -14.96
C PRO A 281 -23.92 16.03 -14.41
N THR A 282 -24.06 16.19 -13.10
CA THR A 282 -25.38 16.53 -12.53
C THR A 282 -25.36 17.66 -11.51
N LEU A 283 -24.21 17.90 -10.89
CA LEU A 283 -24.08 19.01 -9.95
C LEU A 283 -23.67 20.24 -10.73
N GLU A 284 -24.66 21.03 -11.14
CA GLU A 284 -24.45 22.12 -12.07
C GLU A 284 -23.53 23.23 -11.54
N TRP A 285 -23.41 23.35 -10.21
CA TRP A 285 -22.57 24.39 -9.62
C TRP A 285 -21.08 24.05 -9.72
N PHE A 286 -20.76 22.80 -10.00
CA PHE A 286 -19.37 22.38 -9.96
C PHE A 286 -18.52 23.15 -10.98
N ALA A 287 -19.09 23.43 -12.15
CA ALA A 287 -18.37 24.18 -13.18
C ALA A 287 -17.98 25.56 -12.67
N ALA A 288 -18.75 26.09 -11.74
CA ALA A 288 -18.52 27.45 -11.29
C ALA A 288 -17.30 27.56 -10.36
N LEU A 289 -16.75 26.42 -9.92
CA LEU A 289 -15.54 26.45 -9.09
C LEU A 289 -14.32 26.89 -9.90
N GLY A 290 -14.43 26.80 -11.22
CA GLY A 290 -13.39 27.25 -12.11
C GLY A 290 -12.17 26.37 -12.08
N LEU A 291 -12.37 25.13 -11.69
CA LEU A 291 -11.30 24.16 -11.69
C LEU A 291 -11.04 23.65 -13.13
N ARG A 292 -9.78 23.27 -13.39
CA ARG A 292 -9.35 22.76 -14.68
C ARG A 292 -8.14 21.84 -14.47
N TRP A 293 -7.75 21.07 -15.48
CA TRP A 293 -6.45 20.40 -15.44
C TRP A 293 -5.91 20.22 -16.85
N TYR A 294 -4.59 20.15 -17.00
CA TYR A 294 -4.03 19.96 -18.34
C TYR A 294 -4.14 18.48 -18.79
N ALA A 295 -4.21 18.28 -20.09
CA ALA A 295 -4.42 16.96 -20.63
C ALA A 295 -3.19 16.05 -20.55
N LEU A 296 -1.98 16.61 -20.64
CA LEU A 296 -0.81 15.79 -20.88
C LEU A 296 0.07 15.60 -19.64
N PRO A 297 0.12 14.38 -19.09
CA PRO A 297 1.11 14.17 -18.03
C PRO A 297 2.47 13.86 -18.64
N ALA A 298 3.40 14.79 -18.51
CA ALA A 298 4.68 14.70 -19.18
C ALA A 298 5.81 14.87 -18.19
N VAL A 299 6.39 13.76 -17.74
CA VAL A 299 7.40 13.84 -16.69
C VAL A 299 8.77 14.11 -17.28
N SER A 300 9.46 15.10 -16.72
CA SER A 300 10.63 15.64 -17.37
C SER A 300 11.91 15.65 -16.51
N ASN A 301 11.81 15.20 -15.27
CA ASN A 301 12.98 15.25 -14.39
C ASN A 301 13.56 13.89 -14.02
N MET A 302 13.09 12.82 -14.69
CA MET A 302 13.66 11.50 -14.41
C MET A 302 14.85 11.14 -15.29
N LEU A 303 15.71 10.29 -14.76
CA LEU A 303 16.89 9.87 -15.49
C LEU A 303 16.61 8.53 -16.16
N LEU A 304 16.85 8.46 -17.46
CA LEU A 304 16.69 7.22 -18.18
C LEU A 304 18.06 6.54 -18.23
N GLU A 305 18.14 5.36 -17.63
CA GLU A 305 19.41 4.64 -17.57
C GLU A 305 19.34 3.39 -18.45
N ILE A 306 20.26 3.29 -19.40
CA ILE A 306 20.31 2.15 -20.29
C ILE A 306 21.74 1.64 -20.45
N GLY A 307 21.96 0.39 -20.06
CA GLY A 307 23.27 -0.23 -20.14
C GLY A 307 24.38 0.62 -19.57
N GLY A 308 24.10 1.29 -18.44
CA GLY A 308 25.05 2.17 -17.77
C GLY A 308 25.19 3.56 -18.39
N LEU A 309 24.43 3.83 -19.46
CA LEU A 309 24.42 5.16 -20.04
C LEU A 309 23.32 5.99 -19.38
N GLU A 310 23.57 7.28 -19.22
CA GLU A 310 22.68 8.09 -18.40
C GLU A 310 22.08 9.26 -19.16
N PHE A 311 20.80 9.14 -19.48
CA PHE A 311 20.09 10.21 -20.14
C PHE A 311 19.35 11.05 -19.11
N SER A 312 20.01 12.15 -18.71
CA SER A 312 19.52 13.08 -17.71
C SER A 312 18.37 13.96 -18.22
N ALA A 313 18.20 14.05 -19.54
CA ALA A 313 17.01 14.69 -20.10
C ALA A 313 16.33 13.73 -21.06
N ALA A 314 15.19 13.19 -20.63
CA ALA A 314 14.45 12.23 -21.45
C ALA A 314 12.98 12.28 -21.08
N PRO A 315 12.33 13.39 -21.40
CA PRO A 315 10.96 13.48 -20.90
C PRO A 315 10.03 12.54 -21.63
N PHE A 316 9.02 12.07 -20.92
CA PHE A 316 8.08 11.11 -21.47
C PHE A 316 6.67 11.46 -21.02
N SER A 317 5.69 11.03 -21.79
CA SER A 317 4.31 11.29 -21.46
C SER A 317 3.45 10.11 -21.85
N GLY A 318 2.35 9.92 -21.13
CA GLY A 318 1.33 8.96 -21.48
C GLY A 318 -0.01 9.69 -21.45
N TRP A 319 -0.95 9.20 -20.66
CA TRP A 319 -2.17 9.95 -20.36
C TRP A 319 -2.51 9.69 -18.89
N TYR A 320 -3.45 10.45 -18.35
CA TYR A 320 -3.76 10.39 -16.93
C TYR A 320 -4.62 9.22 -16.50
N MET A 321 -4.33 8.70 -15.32
CA MET A 321 -5.37 7.98 -14.60
C MET A 321 -6.09 9.01 -13.74
N SER A 322 -7.43 9.01 -13.81
CA SER A 322 -8.22 10.08 -13.23
C SER A 322 -8.04 10.35 -11.72
N THR A 323 -7.60 9.36 -10.93
CA THR A 323 -7.37 9.61 -9.52
C THR A 323 -6.16 10.52 -9.28
N GLU A 324 -5.23 10.56 -10.22
CA GLU A 324 -4.08 11.47 -10.11
C GLU A 324 -4.55 12.92 -9.97
N ILE A 325 -5.53 13.28 -10.78
CA ILE A 325 -6.09 14.62 -10.79
C ILE A 325 -7.14 14.78 -9.68
N GLY A 326 -8.18 13.96 -9.76
CA GLY A 326 -9.35 14.06 -8.89
C GLY A 326 -9.06 13.83 -7.43
N THR A 327 -8.09 12.96 -7.13
CA THR A 327 -7.78 12.65 -5.76
C THR A 327 -6.48 13.29 -5.25
N ARG A 328 -5.35 13.00 -5.86
CA ARG A 328 -4.09 13.53 -5.35
C ARG A 328 -3.97 15.04 -5.62
N ASN A 329 -3.98 15.46 -6.88
CA ASN A 329 -3.70 16.86 -7.16
C ASN A 329 -4.74 17.84 -6.61
N LEU A 330 -6.01 17.46 -6.66
CA LEU A 330 -7.04 18.37 -6.21
C LEU A 330 -7.41 18.19 -4.73
N CYS A 331 -7.33 16.95 -4.20
CA CYS A 331 -7.74 16.73 -2.81
C CYS A 331 -6.64 16.52 -1.75
N ASP A 332 -5.37 16.33 -2.13
CA ASP A 332 -4.31 16.23 -1.10
C ASP A 332 -4.29 17.48 -0.24
N PRO A 333 -4.13 17.33 1.07
CA PRO A 333 -4.15 18.51 1.94
C PRO A 333 -3.06 19.51 1.56
N HIS A 334 -1.93 18.99 1.08
CA HIS A 334 -0.80 19.83 0.67
C HIS A 334 -0.80 20.16 -0.82
N ARG A 335 -1.91 19.90 -1.51
CA ARG A 335 -2.04 20.30 -2.90
C ARG A 335 -3.15 21.33 -2.98
N TYR A 336 -4.11 21.15 -3.88
CA TYR A 336 -5.17 22.16 -4.05
C TYR A 336 -6.15 22.12 -2.91
N ASN A 337 -6.23 20.99 -2.23
CA ASN A 337 -7.00 20.88 -1.00
C ASN A 337 -8.45 21.40 -1.09
N ILE A 338 -9.22 20.88 -2.05
CA ILE A 338 -10.56 21.43 -2.33
C ILE A 338 -11.68 20.63 -1.69
N LEU A 339 -11.33 19.59 -0.95
CA LEU A 339 -12.32 18.67 -0.36
C LEU A 339 -13.42 19.37 0.43
N GLU A 340 -13.00 20.21 1.37
CA GLU A 340 -13.91 20.96 2.22
C GLU A 340 -14.81 21.89 1.40
N ASP A 341 -14.21 22.61 0.47
CA ASP A 341 -14.95 23.47 -0.45
C ASP A 341 -16.07 22.71 -1.16
N VAL A 342 -15.74 21.55 -1.74
CA VAL A 342 -16.73 20.76 -2.48
C VAL A 342 -17.79 20.18 -1.54
N ALA A 343 -17.33 19.66 -0.40
CA ALA A 343 -18.22 19.16 0.62
C ALA A 343 -19.23 20.22 1.10
N VAL A 344 -18.76 21.45 1.23
CA VAL A 344 -19.65 22.53 1.68
C VAL A 344 -20.68 22.83 0.59
N CAS A 345 -20.25 22.89 -0.67
CA CAS A 345 -21.17 23.06 -1.80
CB CAS A 345 -20.42 23.13 -3.12
C CAS A 345 -22.20 21.94 -1.86
O CAS A 345 -23.33 22.15 -2.28
SG CAS A 345 -19.24 24.47 -3.29
AS CAS A 345 -20.91 26.10 -4.07
CE1 CAS A 345 -19.72 26.97 -5.43
CE2 CAS A 345 -21.04 26.77 -2.20
N MET A 346 -21.78 20.75 -1.46
CA MET A 346 -22.66 19.59 -1.49
C MET A 346 -23.54 19.54 -0.25
N ASP A 347 -23.32 20.50 0.66
CA ASP A 347 -24.08 20.61 1.90
C ASP A 347 -23.88 19.39 2.82
N LEU A 348 -22.65 18.87 2.89
CA LEU A 348 -22.36 17.77 3.80
C LEU A 348 -22.02 18.26 5.20
N ASP A 349 -22.10 17.34 6.15
CA ASP A 349 -21.68 17.61 7.53
C ASP A 349 -20.15 17.54 7.66
N THR A 350 -19.48 18.66 7.46
CA THR A 350 -18.02 18.66 7.54
C THR A 350 -17.40 18.74 8.95
N ARG A 351 -18.19 18.79 10.01
CA ARG A 351 -17.54 18.90 11.31
C ARG A 351 -17.57 17.59 12.08
N THR A 352 -17.94 16.52 11.41
CA THR A 352 -17.77 15.17 11.94
C THR A 352 -17.24 14.21 10.88
N THR A 353 -16.30 13.34 11.26
CA THR A 353 -15.72 12.37 10.34
C THR A 353 -16.73 11.33 9.87
N SER A 354 -17.57 10.86 10.78
CA SER A 354 -18.42 9.70 10.48
C SER A 354 -19.55 10.01 9.51
N SER A 355 -19.70 11.26 9.09
CA SER A 355 -20.58 11.58 7.98
C SER A 355 -19.99 11.07 6.64
N LEU A 356 -18.67 10.83 6.63
CA LEU A 356 -17.94 10.43 5.44
C LEU A 356 -18.02 11.50 4.37
N TRP A 357 -18.05 12.75 4.80
CA TRP A 357 -18.15 13.87 3.86
C TRP A 357 -16.95 13.93 2.93
N LYS A 358 -15.80 13.51 3.45
CA LYS A 358 -14.60 13.52 2.63
C LYS A 358 -14.74 12.51 1.51
N ASP A 359 -15.28 11.35 1.85
CA ASP A 359 -15.42 10.26 0.87
C ASP A 359 -16.39 10.69 -0.22
N LYS A 360 -17.51 11.26 0.20
CA LYS A 360 -18.56 11.67 -0.73
C LYS A 360 -18.04 12.73 -1.68
N ALA A 361 -17.32 13.71 -1.13
CA ALA A 361 -16.81 14.79 -1.94
C ALA A 361 -15.80 14.26 -2.94
N ALA A 362 -14.93 13.38 -2.46
CA ALA A 362 -13.90 12.78 -3.30
C ALA A 362 -14.47 12.03 -4.52
N VAL A 363 -15.56 11.29 -4.32
CA VAL A 363 -16.17 10.58 -5.44
C VAL A 363 -16.66 11.57 -6.49
N GLU A 364 -17.28 12.65 -6.05
CA GLU A 364 -17.90 13.55 -7.00
C GLU A 364 -16.84 14.32 -7.76
N ILE A 365 -15.69 14.54 -7.13
CA ILE A 365 -14.59 15.24 -7.77
C ILE A 365 -13.91 14.33 -8.81
N ASN A 366 -13.80 13.04 -8.51
CA ASN A 366 -13.33 12.09 -9.49
C ASN A 366 -14.30 11.93 -10.64
N LEU A 367 -15.60 11.94 -10.34
CA LEU A 367 -16.61 11.83 -11.40
C LEU A 367 -16.48 13.02 -12.34
N ALA A 368 -16.20 14.19 -11.78
CA ALA A 368 -16.11 15.41 -12.58
C ALA A 368 -14.92 15.34 -13.52
N VAL A 369 -13.78 14.88 -12.99
CA VAL A 369 -12.59 14.74 -13.80
C VAL A 369 -12.85 13.79 -14.96
N LEU A 370 -13.45 12.63 -14.68
CA LEU A 370 -13.72 11.65 -15.71
C LEU A 370 -14.71 12.19 -16.75
N HIS A 371 -15.83 12.70 -16.26
CA HIS A 371 -16.84 13.31 -17.11
C HIS A 371 -16.31 14.48 -17.93
N SER A 372 -15.46 15.32 -17.36
CA SER A 372 -15.02 16.50 -18.10
C SER A 372 -14.04 16.12 -19.20
N PHE A 373 -13.11 15.21 -18.89
CA PHE A 373 -12.18 14.73 -19.92
C PHE A 373 -12.92 13.99 -21.04
N GLN A 374 -13.93 13.21 -20.64
CA GLN A 374 -14.71 12.45 -21.61
C GLN A 374 -15.45 13.38 -22.55
N LEU A 375 -16.11 14.38 -21.98
CA LEU A 375 -16.78 15.42 -22.75
C LEU A 375 -15.80 16.15 -23.69
N ALA A 376 -14.61 16.45 -23.20
CA ALA A 376 -13.61 17.16 -24.00
C ALA A 376 -12.90 16.27 -25.03
N LYS A 377 -13.28 14.99 -25.08
CA LYS A 377 -12.63 13.99 -25.94
C LYS A 377 -11.12 13.90 -25.70
N VAL A 378 -10.72 13.91 -24.44
CA VAL A 378 -9.33 13.83 -24.07
C VAL A 378 -9.14 12.52 -23.36
N THR A 379 -8.16 11.73 -23.78
CA THR A 379 -7.92 10.42 -23.22
C THR A 379 -7.72 10.45 -21.70
N ILE A 380 -8.41 9.55 -21.03
CA ILE A 380 -8.31 9.42 -19.59
C ILE A 380 -8.74 8.00 -19.23
N VAL A 381 -8.23 7.45 -18.13
CA VAL A 381 -8.71 6.16 -17.71
C VAL A 381 -9.02 6.19 -16.21
N ASP A 382 -10.18 5.63 -15.84
CA ASP A 382 -10.54 5.53 -14.43
C ASP A 382 -9.74 4.44 -13.74
N HIS A 383 -9.70 4.48 -12.41
CA HIS A 383 -8.84 3.59 -11.62
C HIS A 383 -9.31 2.14 -11.67
N HIS A 384 -10.59 1.93 -11.91
CA HIS A 384 -11.06 0.57 -12.08
C HIS A 384 -10.52 -0.02 -13.38
N ALA A 385 -10.59 0.77 -14.45
CA ALA A 385 -10.22 0.28 -15.76
C ALA A 385 -8.72 0.09 -15.84
N ALA A 386 -8.01 1.00 -15.17
CA ALA A 386 -6.56 0.99 -15.09
C ALA A 386 -6.04 -0.29 -14.40
N THR A 387 -6.58 -0.57 -13.22
CA THR A 387 -6.11 -1.69 -12.44
C THR A 387 -6.52 -3.01 -13.08
N VAL A 388 -7.67 -3.04 -13.73
CA VAL A 388 -8.07 -4.23 -14.44
C VAL A 388 -7.05 -4.50 -15.55
N SER A 389 -6.57 -3.47 -16.22
CA SER A 389 -5.63 -3.70 -17.32
C SER A 389 -4.27 -4.13 -16.75
N PHE A 390 -3.95 -3.64 -15.56
CA PHE A 390 -2.69 -4.02 -14.95
C PHE A 390 -2.66 -5.50 -14.53
N MET A 391 -3.80 -6.05 -14.11
CA MET A 391 -3.89 -7.48 -13.83
C MET A 391 -3.60 -8.25 -15.10
N LYS A 392 -4.18 -7.80 -16.21
CA LYS A 392 -3.91 -8.40 -17.50
C LYS A 392 -2.41 -8.28 -17.82
N HIS A 393 -1.84 -7.11 -17.56
CA HIS A 393 -0.41 -6.92 -17.78
C HIS A 393 0.43 -7.92 -16.95
N LEU A 394 0.02 -8.14 -15.70
CA LEU A 394 0.70 -9.07 -14.81
C LEU A 394 0.71 -10.49 -15.37
N ASP A 395 -0.43 -10.90 -15.93
CA ASP A 395 -0.53 -12.24 -16.51
C ASP A 395 0.28 -12.32 -17.81
N ASN A 396 0.29 -11.25 -18.60
CA ASN A 396 1.12 -11.22 -19.80
C ASN A 396 2.61 -11.41 -19.43
N GLU A 397 3.05 -10.67 -18.41
CA GLU A 397 4.44 -10.67 -17.94
C GLU A 397 4.82 -11.94 -17.20
N GLN A 398 3.84 -12.59 -16.58
CA GLN A 398 4.07 -13.87 -15.95
C GLN A 398 4.57 -14.85 -17.00
N LYS A 399 3.84 -14.91 -18.11
CA LYS A 399 4.19 -15.78 -19.23
C LYS A 399 5.46 -15.36 -19.92
N ALA A 400 5.61 -14.05 -20.16
CA ALA A 400 6.72 -13.54 -20.99
C ALA A 400 8.08 -13.59 -20.29
N ARG A 401 8.09 -13.34 -18.98
CA ARG A 401 9.33 -13.07 -18.23
C ARG A 401 9.42 -13.73 -16.87
N GLY A 402 8.34 -14.36 -16.43
CA GLY A 402 8.33 -15.07 -15.15
C GLY A 402 8.10 -14.15 -13.97
N GLY A 403 7.48 -13.00 -14.21
CA GLY A 403 7.18 -12.09 -13.14
C GLY A 403 7.04 -10.66 -13.63
N CYS A 404 6.75 -9.76 -12.70
CA CYS A 404 6.61 -8.35 -13.00
C CYS A 404 6.87 -7.55 -11.74
N PRO A 405 7.97 -6.76 -11.71
CA PRO A 405 8.27 -5.97 -10.51
C PRO A 405 7.17 -4.91 -10.31
N ALA A 406 6.60 -4.88 -9.11
CA ALA A 406 5.42 -4.07 -8.87
C ALA A 406 5.42 -3.52 -7.44
N ASP A 407 5.21 -2.21 -7.35
CA ASP A 407 5.15 -1.50 -6.07
C ASP A 407 3.69 -1.34 -5.63
N TRP A 408 3.22 -2.23 -4.77
CA TRP A 408 1.81 -2.31 -4.36
C TRP A 408 1.19 -0.98 -3.89
N ALA A 409 1.92 -0.24 -3.05
CA ALA A 409 1.45 1.00 -2.47
C ALA A 409 1.17 2.04 -3.54
N TRP A 410 1.88 1.94 -4.66
CA TRP A 410 1.71 2.87 -5.77
C TRP A 410 0.73 2.37 -6.82
N ILE A 411 0.59 1.05 -6.90
CA ILE A 411 -0.28 0.43 -7.89
C ILE A 411 -1.74 0.52 -7.43
N VAL A 412 -1.97 0.30 -6.14
CA VAL A 412 -3.31 0.47 -5.58
C VAL A 412 -3.68 1.95 -5.58
N PRO A 413 -4.83 2.29 -6.17
CA PRO A 413 -5.30 3.68 -6.31
C PRO A 413 -5.56 4.35 -4.95
N PRO A 414 -5.50 5.69 -4.90
CA PRO A 414 -5.64 6.42 -3.63
C PRO A 414 -7.09 6.52 -3.12
N ILE A 415 -8.07 6.14 -3.94
CA ILE A 415 -9.41 5.86 -3.42
C ILE A 415 -9.84 4.47 -3.87
N SER A 416 -10.85 3.93 -3.17
CA SER A 416 -11.52 2.70 -3.59
C SER A 416 -10.57 1.51 -3.70
N GLY A 417 -9.52 1.56 -2.91
CA GLY A 417 -8.50 0.52 -2.86
C GLY A 417 -8.93 -0.92 -3.05
N SER A 418 -9.68 -1.46 -2.08
CA SER A 418 -10.02 -2.88 -2.16
C SER A 418 -11.14 -3.15 -3.15
N LEU A 419 -11.68 -2.09 -3.74
CA LEU A 419 -12.69 -2.24 -4.78
C LEU A 419 -12.03 -2.53 -6.14
N THR A 420 -10.70 -2.40 -6.21
CA THR A 420 -9.98 -2.71 -7.44
C THR A 420 -9.29 -4.06 -7.30
N PRO A 421 -9.12 -4.78 -8.43
CA PRO A 421 -8.53 -6.13 -8.38
C PRO A 421 -7.09 -6.14 -7.84
N VAL A 422 -6.29 -5.10 -8.09
CA VAL A 422 -4.89 -5.10 -7.66
C VAL A 422 -4.67 -5.13 -6.14
N PHE A 423 -5.65 -4.62 -5.39
CA PHE A 423 -5.57 -4.63 -3.93
C PHE A 423 -5.35 -6.04 -3.40
N HIS A 424 -6.02 -7.01 -4.03
CA HIS A 424 -6.02 -8.40 -3.57
C HIS A 424 -4.89 -9.23 -4.18
N GLN A 425 -4.03 -8.56 -4.95
CA GLN A 425 -2.88 -9.18 -5.62
C GLN A 425 -1.55 -8.92 -4.90
N GLU A 426 -0.92 -9.94 -4.35
CA GLU A 426 0.43 -9.76 -3.80
C GLU A 426 1.38 -9.40 -4.94
N MET A 427 2.42 -8.64 -4.63
CA MET A 427 3.35 -8.16 -5.64
C MET A 427 4.76 -8.25 -5.10
N VAL A 428 5.72 -8.38 -6.01
CA VAL A 428 7.13 -8.45 -5.66
C VAL A 428 7.81 -7.23 -6.26
N ASN A 429 8.54 -6.48 -5.44
CA ASN A 429 9.15 -5.23 -5.91
C ASN A 429 10.68 -5.35 -5.97
N TYR A 430 11.27 -4.91 -7.09
CA TYR A 430 12.72 -4.98 -7.28
C TYR A 430 13.17 -4.10 -8.45
N ILE A 431 14.46 -3.80 -8.52
CA ILE A 431 14.97 -2.93 -9.57
C ILE A 431 15.60 -3.66 -10.75
N LEU A 432 14.96 -3.56 -11.92
CA LEU A 432 15.55 -4.01 -13.17
C LEU A 432 16.04 -2.82 -13.99
N SER A 433 17.11 -3.02 -14.73
CA SER A 433 17.58 -2.04 -15.69
C SER A 433 17.46 -2.61 -17.09
N PRO A 434 17.22 -1.76 -18.11
CA PRO A 434 16.96 -0.32 -18.16
C PRO A 434 15.90 0.18 -17.17
N ALA A 435 16.10 1.40 -16.66
CA ALA A 435 15.29 1.93 -15.59
C ALA A 435 15.09 3.46 -15.67
N PHE A 436 13.90 3.91 -15.30
CA PHE A 436 13.70 5.32 -15.00
C PHE A 436 14.06 5.54 -13.53
N ARG A 437 15.02 6.43 -13.27
CA ARG A 437 15.51 6.66 -11.90
C ARG A 437 15.33 8.11 -11.51
N TYR A 438 15.21 8.37 -10.20
CA TYR A 438 15.25 9.74 -9.70
C TYR A 438 16.66 10.28 -9.71
N GLN A 439 16.78 11.60 -9.78
CA GLN A 439 18.07 12.27 -9.79
C GLN A 439 17.93 13.59 -9.05
N PRO A 440 19.03 14.07 -8.44
CA PRO A 440 19.02 15.35 -7.73
C PRO A 440 18.54 16.48 -8.64
N ASP A 441 17.80 17.44 -8.08
CA ASP A 441 17.46 18.66 -8.79
C ASP A 441 18.72 19.38 -9.20
N PRO A 442 18.76 19.90 -10.44
CA PRO A 442 19.97 20.51 -11.01
C PRO A 442 20.57 21.64 -10.18
N TRP A 443 19.76 22.26 -9.31
CA TRP A 443 20.20 23.40 -8.51
C TRP A 443 20.59 23.03 -7.09
N LYS B 30 21.91 2.10 7.30
CA LYS B 30 21.91 2.70 8.62
C LYS B 30 20.50 2.76 9.17
N PHE B 31 20.09 3.97 9.49
CA PHE B 31 18.79 4.21 10.08
C PHE B 31 17.79 4.64 9.06
N PRO B 32 16.54 4.24 9.26
CA PRO B 32 15.51 4.77 8.37
C PRO B 32 15.13 6.20 8.75
N ARG B 33 15.41 7.13 7.84
CA ARG B 33 14.80 8.45 7.84
C ARG B 33 13.33 8.30 7.38
N VAL B 34 12.40 8.70 8.24
CA VAL B 34 10.96 8.52 8.01
C VAL B 34 10.25 9.85 7.80
N LYS B 35 9.72 10.06 6.60
CA LYS B 35 9.11 11.34 6.29
C LYS B 35 7.58 11.28 6.19
N ASN B 36 6.92 12.31 6.75
CA ASN B 36 5.51 12.58 6.48
C ASN B 36 5.40 13.62 5.37
N TRP B 37 4.73 13.26 4.27
CA TRP B 37 4.76 14.08 3.06
C TRP B 37 3.69 15.19 3.05
N GLU B 38 2.72 15.10 3.95
CA GLU B 38 1.72 16.12 4.07
C GLU B 38 2.29 17.30 4.90
N LEU B 39 3.08 16.97 5.91
CA LEU B 39 3.60 17.95 6.87
C LEU B 39 5.05 18.34 6.59
N GLY B 40 5.81 17.44 5.97
CA GLY B 40 7.23 17.66 5.78
C GLY B 40 8.04 17.26 7.00
N SER B 41 7.39 16.67 7.99
CA SER B 41 8.09 16.30 9.21
C SER B 41 8.94 15.02 9.02
N ILE B 42 10.09 14.96 9.67
CA ILE B 42 10.98 13.80 9.58
C ILE B 42 11.24 13.19 10.96
N THR B 43 11.12 11.86 11.06
CA THR B 43 11.57 11.13 12.25
C THR B 43 12.65 10.12 11.87
N TYR B 44 13.34 9.58 12.87
CA TYR B 44 14.27 8.48 12.66
C TYR B 44 13.85 7.32 13.54
N ASP B 45 13.70 6.15 12.95
CA ASP B 45 13.26 4.99 13.69
C ASP B 45 14.49 4.24 14.24
N THR B 46 14.68 4.31 15.55
CA THR B 46 15.79 3.61 16.19
C THR B 46 15.29 2.36 16.92
N LEU B 47 13.98 2.20 17.00
CA LEU B 47 13.40 1.05 17.68
C LEU B 47 13.62 -0.22 16.87
N CYS B 48 13.73 -0.07 15.55
CA CYS B 48 13.89 -1.23 14.65
C CYS B 48 15.21 -1.96 14.93
N ALA B 49 16.16 -1.26 15.55
CA ALA B 49 17.43 -1.86 15.93
C ALA B 49 17.24 -2.96 17.00
N GLN B 50 16.13 -2.90 17.72
CA GLN B 50 15.82 -3.90 18.73
C GLN B 50 15.15 -5.14 18.13
N SER B 51 14.93 -5.13 16.82
CA SER B 51 14.38 -6.31 16.12
C SER B 51 15.43 -7.39 15.84
N GLN B 52 15.12 -8.60 16.29
CA GLN B 52 15.94 -9.77 15.98
C GLN B 52 15.13 -10.97 15.50
N GLN B 53 14.10 -10.69 14.69
CA GLN B 53 13.45 -11.71 13.88
C GLN B 53 13.24 -11.20 12.44
N ASP B 54 13.63 -12.01 11.47
CA ASP B 54 13.60 -11.64 10.05
C ASP B 54 12.19 -11.55 9.43
N GLY B 55 11.91 -10.42 8.78
CA GLY B 55 10.75 -10.32 7.92
C GLY B 55 11.07 -10.93 6.55
N PRO B 56 10.13 -10.78 5.59
CA PRO B 56 10.24 -11.45 4.28
C PRO B 56 11.18 -10.80 3.25
N CYS B 57 11.59 -9.55 3.47
CA CYS B 57 12.33 -8.83 2.44
C CYS B 57 13.85 -9.04 2.48
N THR B 58 14.49 -8.72 1.36
CA THR B 58 15.95 -8.71 1.23
C THR B 58 16.28 -7.48 0.39
N PRO B 59 17.58 -7.11 0.30
CA PRO B 59 17.91 -5.99 -0.60
C PRO B 59 17.55 -6.24 -2.06
N ARG B 60 17.46 -7.50 -2.48
CA ARG B 60 17.21 -7.84 -3.88
C ARG B 60 15.72 -7.76 -4.30
N ARG B 61 14.80 -7.94 -3.35
CA ARG B 61 13.36 -7.92 -3.60
C ARG B 61 12.55 -7.63 -2.34
N CYS B 62 11.61 -6.69 -2.45
CA CYS B 62 10.66 -6.42 -1.37
C CYS B 62 9.39 -7.28 -1.50
N LEU B 63 9.04 -7.96 -0.40
CA LEU B 63 7.87 -8.84 -0.33
C LEU B 63 6.90 -8.36 0.75
N GLY B 64 6.87 -7.05 1.01
CA GLY B 64 6.07 -6.49 2.09
C GLY B 64 4.57 -6.66 1.93
N SER B 65 4.13 -6.94 0.71
CA SER B 65 2.70 -7.05 0.40
C SER B 65 2.20 -8.48 0.55
N LEU B 66 3.10 -9.40 0.89
CA LEU B 66 2.69 -10.76 1.19
C LEU B 66 1.89 -10.81 2.49
N VAL B 67 0.72 -11.44 2.44
CA VAL B 67 -0.16 -11.56 3.61
C VAL B 67 0.45 -12.45 4.72
N LEU B 68 0.89 -13.65 4.34
CA LEU B 68 1.53 -14.58 5.28
C LEU B 68 3.04 -14.70 5.02
N PRO B 69 3.81 -15.13 6.04
CA PRO B 69 5.23 -15.49 5.85
C PRO B 69 5.34 -16.74 4.98
N ARG B 70 6.50 -16.96 4.35
CA ARG B 70 6.67 -18.11 3.46
C ARG B 70 6.32 -19.42 4.17
N LYS B 71 6.95 -19.70 5.31
CA LYS B 71 6.53 -20.78 6.21
C LYS B 71 6.77 -20.40 7.66
N PRO B 82 18.48 -23.51 20.52
CA PRO B 82 18.31 -24.80 21.19
C PRO B 82 17.40 -24.70 22.42
N ALA B 83 18.00 -24.59 23.61
CA ALA B 83 17.26 -24.24 24.79
C ALA B 83 17.80 -22.92 25.30
N GLU B 84 18.75 -22.38 24.54
CA GLU B 84 19.29 -21.10 24.89
C GLU B 84 18.88 -20.04 23.85
N GLN B 85 18.35 -20.49 22.73
CA GLN B 85 17.55 -19.57 21.93
C GLN B 85 16.33 -19.17 22.78
N LEU B 86 15.73 -20.16 23.45
CA LEU B 86 14.64 -19.94 24.38
C LEU B 86 15.13 -19.05 25.50
N LEU B 87 16.28 -19.42 26.06
CA LEU B 87 16.82 -18.68 27.18
C LEU B 87 17.05 -17.22 26.80
N SER B 88 17.70 -16.97 25.67
CA SER B 88 17.96 -15.60 25.24
C SER B 88 16.66 -14.81 25.00
N GLN B 89 15.64 -15.49 24.49
CA GLN B 89 14.34 -14.86 24.30
C GLN B 89 13.68 -14.53 25.63
N ALA B 90 13.84 -15.43 26.59
CA ALA B 90 13.25 -15.24 27.90
C ALA B 90 13.94 -14.11 28.67
N ARG B 91 15.26 -14.08 28.74
CA ARG B 91 15.93 -12.98 29.45
C ARG B 91 15.52 -11.64 28.83
N ASP B 92 15.46 -11.55 27.50
CA ASP B 92 15.02 -10.31 26.88
C ASP B 92 13.62 -9.90 27.34
N PHE B 93 12.71 -10.86 27.43
CA PHE B 93 11.36 -10.50 27.83
C PHE B 93 11.36 -10.02 29.27
N ILE B 94 12.05 -10.74 30.14
CA ILE B 94 12.12 -10.39 31.57
C ILE B 94 12.74 -9.01 31.74
N ASN B 95 13.76 -8.73 30.92
CA ASN B 95 14.43 -7.44 30.94
C ASN B 95 13.48 -6.33 30.54
N GLN B 96 12.67 -6.62 29.53
CA GLN B 96 11.60 -5.70 29.14
C GLN B 96 10.67 -5.46 30.32
N TYR B 97 10.22 -6.55 30.93
CA TYR B 97 9.22 -6.48 31.98
C TYR B 97 9.68 -5.60 33.14
N TYR B 98 10.91 -5.80 33.61
CA TYR B 98 11.40 -5.03 34.73
C TYR B 98 11.76 -3.61 34.32
N SER B 99 12.19 -3.43 33.08
CA SER B 99 12.43 -2.08 32.59
C SER B 99 11.11 -1.31 32.63
N SER B 100 10.03 -2.00 32.27
CA SER B 100 8.72 -1.38 32.19
C SER B 100 8.17 -0.95 33.55
N ILE B 101 8.48 -1.71 34.59
CA ILE B 101 7.90 -1.44 35.90
C ILE B 101 8.89 -0.87 36.90
N LYS B 102 9.69 0.10 36.46
CA LYS B 102 10.51 0.92 37.37
C LYS B 102 11.82 0.27 37.83
N ARG B 103 11.96 -1.06 37.68
CA ARG B 103 12.94 -1.78 38.50
C ARG B 103 13.97 -2.70 37.82
N SER B 104 14.63 -2.23 36.77
CA SER B 104 15.74 -3.00 36.20
C SER B 104 16.89 -3.10 37.19
N GLY B 105 17.69 -4.16 37.08
CA GLY B 105 18.88 -4.30 37.90
C GLY B 105 18.61 -4.61 39.36
N SER B 106 17.40 -4.32 39.83
CA SER B 106 16.96 -4.70 41.18
C SER B 106 17.12 -6.21 41.36
N GLN B 107 17.21 -6.67 42.60
CA GLN B 107 17.47 -8.10 42.72
C GLN B 107 16.16 -8.87 42.59
N ALA B 108 15.02 -8.19 42.56
CA ALA B 108 13.79 -8.87 42.16
C ALA B 108 13.92 -9.28 40.70
N HIS B 109 14.53 -8.39 39.92
CA HIS B 109 14.91 -8.65 38.54
C HIS B 109 15.91 -9.80 38.44
N GLU B 110 16.93 -9.77 39.29
CA GLU B 110 18.03 -10.74 39.21
C GLU B 110 17.60 -12.18 39.54
N GLU B 111 16.83 -12.35 40.62
CA GLU B 111 16.29 -13.67 40.96
C GLU B 111 15.18 -14.13 40.04
N ARG B 112 14.42 -13.19 39.48
CA ARG B 112 13.41 -13.61 38.53
C ARG B 112 14.12 -14.19 37.32
N LEU B 113 15.16 -13.49 36.88
CA LEU B 113 16.04 -14.01 35.83
C LEU B 113 16.50 -15.40 36.27
N GLN B 114 17.06 -15.50 37.46
CA GLN B 114 17.58 -16.77 37.90
C GLN B 114 16.52 -17.89 37.93
N GLU B 115 15.28 -17.57 38.29
CA GLU B 115 14.24 -18.59 38.28
C GLU B 115 14.15 -19.16 36.85
N VAL B 116 14.09 -18.25 35.89
CA VAL B 116 13.93 -18.62 34.47
C VAL B 116 15.03 -19.55 33.92
N GLU B 117 16.33 -19.35 34.22
CA GLU B 117 17.28 -20.34 33.64
C GLU B 117 17.16 -21.66 34.40
N ALA B 118 17.01 -21.62 35.72
CA ALA B 118 16.88 -22.87 36.48
C ALA B 118 15.79 -23.71 35.83
N GLU B 119 14.65 -23.10 35.55
CA GLU B 119 13.54 -23.83 34.97
C GLU B 119 13.87 -24.34 33.56
N VAL B 120 14.46 -23.49 32.71
CA VAL B 120 14.79 -23.94 31.36
C VAL B 120 15.91 -25.00 31.36
N ALA B 121 16.93 -24.80 32.20
CA ALA B 121 18.04 -25.74 32.29
C ALA B 121 17.56 -27.13 32.70
N SER B 122 16.47 -27.19 33.45
CA SER B 122 15.99 -28.45 34.03
C SER B 122 14.92 -29.12 33.20
N THR B 123 14.07 -28.31 32.57
CA THR B 123 12.84 -28.80 31.98
C THR B 123 12.72 -28.49 30.49
N GLY B 124 13.63 -27.66 29.97
CA GLY B 124 13.60 -27.24 28.58
C GLY B 124 12.60 -26.12 28.32
N THR B 125 12.05 -25.58 29.39
CA THR B 125 10.98 -24.59 29.29
C THR B 125 10.79 -23.90 30.64
N TYR B 126 9.83 -23.00 30.71
CA TYR B 126 9.58 -22.24 31.92
C TYR B 126 8.18 -21.69 31.86
N HIS B 127 7.83 -20.91 32.89
CA HIS B 127 6.48 -20.39 33.00
C HIS B 127 6.47 -18.95 33.43
N LEU B 128 5.48 -18.21 32.97
CA LEU B 128 5.39 -16.78 33.24
C LEU B 128 4.53 -16.55 34.45
N ARG B 129 4.81 -15.49 35.17
CA ARG B 129 3.91 -15.04 36.21
C ARG B 129 2.79 -14.23 35.56
N GLU B 130 1.63 -14.17 36.22
CA GLU B 130 0.47 -13.48 35.65
C GLU B 130 0.76 -12.04 35.22
N SER B 131 1.44 -11.29 36.08
CA SER B 131 1.73 -9.90 35.77
C SER B 131 2.64 -9.80 34.55
N GLU B 132 3.49 -10.81 34.34
CA GLU B 132 4.36 -10.86 33.17
C GLU B 132 3.55 -11.17 31.93
N LEU B 133 2.59 -12.08 32.07
CA LEU B 133 1.68 -12.40 30.99
C LEU B 133 0.81 -11.20 30.59
N VAL B 134 0.30 -10.47 31.58
CA VAL B 134 -0.48 -9.26 31.31
C VAL B 134 0.37 -8.23 30.56
N PHE B 135 1.62 -8.07 30.98
CA PHE B 135 2.49 -7.13 30.29
C PHE B 135 2.80 -7.59 28.87
N GLY B 136 3.03 -8.90 28.71
CA GLY B 136 3.41 -9.47 27.42
C GLY B 136 2.28 -9.36 26.40
N ALA B 137 1.06 -9.60 26.85
CA ALA B 137 -0.12 -9.51 26.02
C ALA B 137 -0.30 -8.10 25.46
N LYS B 138 -0.11 -7.11 26.33
CA LYS B 138 -0.17 -5.71 25.95
C LYS B 138 0.97 -5.30 25.00
N GLN B 139 2.17 -5.84 25.20
CA GLN B 139 3.30 -5.55 24.31
C GLN B 139 3.10 -6.18 22.94
N ALA B 140 2.47 -7.36 22.92
CA ALA B 140 2.21 -8.03 21.65
C ALA B 140 1.28 -7.21 20.77
N TRP B 141 0.28 -6.59 21.40
CA TRP B 141 -0.69 -5.75 20.67
C TRP B 141 0.01 -4.45 20.24
N ARG B 142 0.74 -3.85 21.17
CA ARG B 142 1.55 -2.69 20.87
C ARG B 142 2.50 -2.89 19.68
N ASN B 143 3.05 -4.09 19.56
CA ASN B 143 4.06 -4.37 18.56
C ASN B 143 3.48 -4.77 17.19
N ALA B 144 2.16 -4.94 17.12
CA ALA B 144 1.50 -5.48 15.91
C ALA B 144 1.44 -4.45 14.77
N PRO B 145 2.30 -4.61 13.76
CA PRO B 145 2.46 -3.58 12.71
C PRO B 145 1.18 -3.31 11.92
N ARG B 146 0.28 -4.28 11.89
CA ARG B 146 -0.90 -4.22 11.06
C ARG B 146 -2.13 -3.64 11.75
N CYS B 147 -2.01 -3.35 13.04
CA CYS B 147 -3.16 -2.83 13.78
C CYS B 147 -3.21 -1.30 13.83
N VAL B 148 -4.26 -0.73 13.25
CA VAL B 148 -4.47 0.71 13.27
C VAL B 148 -5.09 1.13 14.61
N GLY B 149 -5.43 0.15 15.46
CA GLY B 149 -6.07 0.45 16.72
C GLY B 149 -5.19 0.53 17.96
N ARG B 150 -3.88 0.68 17.78
CA ARG B 150 -2.94 0.57 18.91
C ARG B 150 -2.84 1.78 19.85
N ILE B 151 -3.57 2.86 19.57
CA ILE B 151 -3.69 3.97 20.53
C ILE B 151 -4.26 3.41 21.84
N GLN B 152 -5.03 2.33 21.72
CA GLN B 152 -5.72 1.69 22.83
C GLN B 152 -4.88 0.69 23.63
N TRP B 153 -3.61 0.50 23.26
CA TRP B 153 -2.90 -0.74 23.58
C TRP B 153 -2.72 -1.01 25.08
N GLY B 154 -2.68 0.05 25.88
CA GLY B 154 -2.48 -0.13 27.31
C GLY B 154 -3.75 -0.50 28.06
N LYS B 155 -4.88 -0.39 27.36
CA LYS B 155 -6.20 -0.70 27.93
C LYS B 155 -6.68 -2.05 27.41
N LEU B 156 -6.26 -3.11 28.09
CA LEU B 156 -6.52 -4.47 27.66
C LEU B 156 -6.82 -5.35 28.87
N GLN B 157 -8.03 -5.88 28.94
CA GLN B 157 -8.37 -6.86 29.97
C GLN B 157 -7.78 -8.21 29.61
N VAL B 158 -6.90 -8.70 30.49
CA VAL B 158 -6.25 -9.99 30.27
C VAL B 158 -6.81 -11.09 31.17
N PHE B 159 -7.42 -12.09 30.56
CA PHE B 159 -7.90 -13.23 31.35
C PHE B 159 -6.90 -14.37 31.29
N ASP B 160 -6.42 -14.77 32.48
CA ASP B 160 -5.55 -15.93 32.62
C ASP B 160 -6.39 -17.20 32.60
N ALA B 161 -6.32 -17.95 31.50
CA ALA B 161 -7.07 -19.20 31.38
C ALA B 161 -6.11 -20.37 31.26
N ARG B 162 -4.91 -20.21 31.82
CA ARG B 162 -3.88 -21.24 31.73
C ARG B 162 -4.18 -22.45 32.62
N ASP B 163 -5.09 -22.31 33.58
CA ASP B 163 -5.55 -23.50 34.31
C ASP B 163 -6.81 -24.00 33.63
N CYS B 164 -6.58 -24.73 32.56
CA CYS B 164 -7.64 -25.14 31.68
C CYS B 164 -7.25 -26.50 31.14
N SER B 165 -8.10 -27.50 31.37
CA SER B 165 -7.69 -28.87 31.05
C SER B 165 -8.65 -29.54 30.09
N SER B 166 -9.57 -28.79 29.51
CA SER B 166 -10.57 -29.41 28.67
C SER B 166 -11.20 -28.42 27.73
N ALA B 167 -11.79 -28.96 26.65
CA ALA B 167 -12.52 -28.18 25.68
C ALA B 167 -13.71 -27.49 26.35
N GLN B 168 -14.37 -28.23 27.23
CA GLN B 168 -15.50 -27.73 28.01
C GLN B 168 -15.13 -26.48 28.81
N GLU B 169 -14.01 -26.53 29.52
CA GLU B 169 -13.54 -25.36 30.26
C GLU B 169 -13.19 -24.20 29.34
N MET B 170 -12.61 -24.51 28.17
CA MET B 170 -12.36 -23.47 27.16
C MET B 170 -13.64 -22.74 26.82
N PHE B 171 -14.70 -23.50 26.55
CA PHE B 171 -15.98 -22.91 26.22
C PHE B 171 -16.45 -21.94 27.30
N THR B 172 -16.35 -22.36 28.56
CA THR B 172 -16.75 -21.50 29.68
C THR B 172 -15.97 -20.21 29.66
N TYR B 173 -14.65 -20.32 29.49
CA TYR B 173 -13.80 -19.13 29.47
C TYR B 173 -14.18 -18.19 28.33
N ILE B 174 -14.47 -18.77 27.17
CA ILE B 174 -14.79 -18.01 25.99
C ILE B 174 -16.14 -17.30 26.17
N CYS B 175 -17.11 -18.01 26.74
CA CYS B 175 -18.41 -17.40 27.02
C CYS B 175 -18.21 -16.21 27.94
N ASN B 176 -17.29 -16.34 28.87
CA ASN B 176 -17.06 -15.27 29.80
C ASN B 176 -16.34 -14.13 29.09
N HIS B 177 -15.43 -14.47 28.19
CA HIS B 177 -14.73 -13.44 27.41
C HIS B 177 -15.73 -12.57 26.63
N ILE B 178 -16.63 -13.24 25.91
CA ILE B 178 -17.63 -12.56 25.08
C ILE B 178 -18.56 -11.68 25.94
N LYS B 179 -19.04 -12.19 27.07
CA LYS B 179 -19.89 -11.36 27.95
C LYS B 179 -19.15 -10.11 28.43
N TYR B 180 -17.94 -10.28 28.94
CA TYR B 180 -17.17 -9.12 29.37
C TYR B 180 -16.91 -8.14 28.20
N ALA B 181 -16.43 -8.67 27.08
CA ALA B 181 -16.02 -7.82 25.95
C ALA B 181 -17.18 -7.09 25.28
N THR B 182 -18.32 -7.77 25.14
CA THR B 182 -19.47 -7.20 24.45
C THR B 182 -20.09 -6.10 25.30
N ASN B 183 -20.25 -6.36 26.59
CA ASN B 183 -20.64 -5.33 27.56
C ASN B 183 -21.85 -4.52 27.10
N ARG B 184 -22.85 -5.23 26.57
CA ARG B 184 -24.10 -4.64 26.08
C ARG B 184 -23.89 -3.55 25.02
N GLY B 185 -22.75 -3.58 24.33
CA GLY B 185 -22.49 -2.65 23.24
C GLY B 185 -21.41 -1.61 23.50
N ASN B 186 -21.02 -1.49 24.76
CA ASN B 186 -19.93 -0.60 25.15
C ASN B 186 -18.66 -1.43 25.18
N LEU B 187 -18.16 -1.75 23.99
CA LEU B 187 -17.15 -2.78 23.84
C LEU B 187 -15.88 -2.47 24.65
N ARG B 188 -15.28 -3.54 25.15
CA ARG B 188 -14.04 -3.44 25.93
C ARG B 188 -13.07 -4.44 25.35
N SER B 189 -11.82 -4.02 25.15
CA SER B 189 -10.78 -4.89 24.62
C SER B 189 -10.38 -5.96 25.64
N ALA B 190 -10.24 -7.20 25.17
CA ALA B 190 -9.85 -8.28 26.06
C ALA B 190 -9.10 -9.39 25.34
N ILE B 191 -8.29 -10.11 26.12
CA ILE B 191 -7.65 -11.34 25.65
C ILE B 191 -7.78 -12.42 26.70
N THR B 192 -8.08 -13.63 26.24
CA THR B 192 -8.11 -14.80 27.09
C THR B 192 -6.94 -15.68 26.66
N VAL B 193 -6.10 -16.05 27.61
CA VAL B 193 -4.90 -16.85 27.29
C VAL B 193 -4.99 -18.28 27.83
N PHE B 194 -4.98 -19.24 26.91
CA PHE B 194 -5.09 -20.64 27.26
C PHE B 194 -3.67 -21.22 27.39
N PRO B 195 -3.55 -22.47 27.88
CA PRO B 195 -2.22 -23.01 28.18
C PRO B 195 -1.25 -22.98 27.00
N GLN B 196 0.00 -22.64 27.31
CA GLN B 196 1.08 -22.58 26.35
C GLN B 196 1.35 -23.94 25.71
N ARG B 197 1.92 -23.90 24.52
CA ARG B 197 2.42 -25.10 23.87
C ARG B 197 3.47 -25.78 24.72
N ALA B 198 3.54 -27.10 24.65
CA ALA B 198 4.56 -27.86 25.37
C ALA B 198 5.13 -28.96 24.47
N PRO B 199 6.45 -29.21 24.58
CA PRO B 199 7.15 -30.20 23.74
C PRO B 199 6.50 -31.58 23.82
N GLY B 200 6.23 -32.18 22.66
CA GLY B 200 5.67 -33.53 22.62
C GLY B 200 4.31 -33.62 23.30
N ARG B 201 3.47 -32.63 23.02
CA ARG B 201 2.07 -32.64 23.39
C ARG B 201 1.34 -31.76 22.38
N GLY B 202 0.15 -32.18 21.97
CA GLY B 202 -0.69 -31.37 21.11
C GLY B 202 -1.04 -30.02 21.71
N ASP B 203 -1.44 -29.08 20.86
CA ASP B 203 -1.81 -27.74 21.28
C ASP B 203 -3.28 -27.60 21.70
N PHE B 204 -3.52 -26.67 22.61
CA PHE B 204 -4.86 -26.11 22.77
C PHE B 204 -5.13 -25.30 21.50
N ARG B 205 -6.26 -25.54 20.83
CA ARG B 205 -6.61 -24.76 19.65
C ARG B 205 -8.08 -24.41 19.64
N ILE B 206 -8.37 -23.20 19.18
CA ILE B 206 -9.70 -22.85 18.73
C ILE B 206 -9.66 -22.93 17.21
N TRP B 207 -10.42 -23.85 16.63
CA TRP B 207 -10.38 -24.06 15.19
C TRP B 207 -10.92 -22.88 14.39
N ASN B 208 -11.91 -22.18 14.95
CA ASN B 208 -12.49 -21.04 14.26
C ASN B 208 -11.50 -19.85 14.21
N SER B 209 -11.49 -19.13 13.10
CA SER B 209 -10.62 -17.96 12.96
C SER B 209 -11.13 -16.80 13.81
N GLN B 210 -12.44 -16.74 14.02
CA GLN B 210 -12.98 -15.79 14.98
C GLN B 210 -14.02 -16.47 15.87
N LEU B 211 -14.27 -15.91 17.05
CA LEU B 211 -15.30 -16.48 17.91
C LEU B 211 -16.67 -16.32 17.26
N VAL B 212 -16.86 -15.25 16.49
CA VAL B 212 -18.12 -15.07 15.78
C VAL B 212 -17.88 -15.01 14.26
N ARG B 213 -18.48 -15.96 13.56
CA ARG B 213 -18.29 -16.14 12.13
C ARG B 213 -19.59 -16.62 11.52
N TYR B 214 -19.91 -16.15 10.33
CA TYR B 214 -21.13 -16.60 9.65
C TYR B 214 -20.80 -17.77 8.76
N ALA B 215 -21.68 -18.78 8.78
CA ALA B 215 -21.50 -19.98 7.98
C ALA B 215 -21.46 -19.67 6.50
N GLY B 216 -20.61 -20.41 5.78
CA GLY B 216 -20.57 -20.40 4.33
C GLY B 216 -20.96 -21.77 3.80
N TYR B 217 -22.14 -21.85 3.20
CA TYR B 217 -22.66 -23.11 2.66
C TYR B 217 -22.36 -23.23 1.19
N ARG B 218 -21.44 -24.12 0.83
CA ARG B 218 -21.10 -24.34 -0.56
C ARG B 218 -22.30 -24.94 -1.31
N GLN B 219 -22.76 -24.23 -2.32
CA GLN B 219 -23.92 -24.66 -3.11
C GLN B 219 -23.50 -25.38 -4.38
N GLN B 220 -23.73 -26.70 -4.39
CA GLN B 220 -23.98 -27.48 -5.60
C GLN B 220 -23.41 -26.91 -6.89
N ASP B 221 -24.06 -25.83 -7.32
CA ASP B 221 -23.77 -25.12 -8.57
C ASP B 221 -22.77 -23.98 -8.43
N GLY B 222 -21.60 -24.26 -7.86
CA GLY B 222 -20.54 -23.28 -7.80
C GLY B 222 -20.64 -22.24 -6.68
N SER B 223 -21.76 -21.54 -6.62
CA SER B 223 -21.92 -20.40 -5.70
C SER B 223 -21.75 -20.77 -4.22
N VAL B 224 -21.92 -19.78 -3.35
CA VAL B 224 -21.85 -19.98 -1.90
C VAL B 224 -22.90 -19.13 -1.19
N ARG B 225 -23.74 -19.77 -0.36
CA ARG B 225 -24.64 -19.04 0.53
C ARG B 225 -23.96 -18.71 1.88
N GLY B 226 -24.03 -17.44 2.30
CA GLY B 226 -23.37 -17.02 3.52
C GLY B 226 -22.03 -16.36 3.26
N ASP B 227 -21.08 -16.59 4.17
CA ASP B 227 -19.75 -16.00 4.03
C ASP B 227 -18.75 -16.96 3.40
N PRO B 228 -18.31 -16.68 2.16
CA PRO B 228 -17.39 -17.57 1.44
C PRO B 228 -16.04 -17.78 2.14
N ALA B 229 -15.67 -16.85 3.02
CA ALA B 229 -14.43 -16.99 3.77
C ALA B 229 -14.50 -18.13 4.77
N ASN B 230 -15.70 -18.67 4.98
CA ASN B 230 -15.93 -19.67 6.04
C ASN B 230 -16.45 -21.01 5.54
N VAL B 231 -16.25 -21.29 4.25
CA VAL B 231 -16.70 -22.56 3.70
C VAL B 231 -15.97 -23.73 4.37
N GLU B 232 -14.67 -23.61 4.53
CA GLU B 232 -13.90 -24.70 5.11
C GLU B 232 -14.31 -25.00 6.56
N ILE B 233 -14.50 -23.96 7.38
CA ILE B 233 -14.83 -24.17 8.80
C ILE B 233 -16.30 -24.59 8.98
N THR B 234 -17.16 -24.16 8.07
CA THR B 234 -18.55 -24.61 8.08
C THR B 234 -18.61 -26.11 7.84
N GLU B 235 -17.82 -26.57 6.87
CA GLU B 235 -17.83 -27.96 6.51
C GLU B 235 -17.29 -28.78 7.67
N LEU B 236 -16.19 -28.30 8.24
CA LEU B 236 -15.58 -28.96 9.39
C LEU B 236 -16.58 -29.06 10.53
N CYS B 237 -17.33 -27.99 10.78
CA CYS B 237 -18.36 -28.02 11.81
C CYS B 237 -19.41 -29.10 11.54
N ILE B 238 -19.82 -29.22 10.28
CA ILE B 238 -20.87 -30.17 9.91
C ILE B 238 -20.37 -31.60 10.09
N GLN B 239 -19.12 -31.84 9.73
CA GLN B 239 -18.48 -33.16 9.85
C GLN B 239 -18.29 -33.55 11.30
N HIS B 240 -18.34 -32.56 12.19
CA HIS B 240 -18.28 -32.84 13.62
C HIS B 240 -19.67 -32.73 14.25
N GLY B 241 -20.69 -32.94 13.44
CA GLY B 241 -22.04 -33.15 13.95
C GLY B 241 -22.91 -31.94 14.18
N TRP B 242 -22.61 -30.83 13.52
CA TRP B 242 -23.46 -29.65 13.65
C TRP B 242 -24.62 -29.70 12.64
N THR B 243 -25.82 -29.35 13.11
CA THR B 243 -26.98 -29.24 12.23
C THR B 243 -27.00 -27.85 11.58
N PRO B 244 -26.65 -27.77 10.30
CA PRO B 244 -26.48 -26.47 9.62
C PRO B 244 -27.81 -25.80 9.30
N GLY B 245 -27.81 -24.47 9.30
CA GLY B 245 -28.95 -23.71 8.81
C GLY B 245 -28.82 -23.56 7.31
N ASN B 246 -29.62 -22.69 6.71
CA ASN B 246 -29.41 -22.39 5.31
C ASN B 246 -29.56 -20.88 5.05
N GLY B 247 -29.35 -20.09 6.11
CA GLY B 247 -29.43 -18.65 5.99
C GLY B 247 -28.18 -18.02 5.42
N ARG B 248 -28.15 -16.69 5.44
CA ARG B 248 -27.02 -15.95 4.90
C ARG B 248 -26.10 -15.50 6.04
N PHE B 249 -26.66 -15.50 7.26
CA PHE B 249 -25.93 -15.01 8.43
C PHE B 249 -26.09 -15.93 9.64
N ASP B 250 -25.93 -17.24 9.43
CA ASP B 250 -25.97 -18.20 10.51
C ASP B 250 -24.65 -18.16 11.28
N VAL B 251 -24.73 -17.89 12.58
CA VAL B 251 -23.57 -17.91 13.44
C VAL B 251 -23.07 -19.35 13.61
N LEU B 252 -21.78 -19.56 13.40
CA LEU B 252 -21.18 -20.89 13.46
C LEU B 252 -20.99 -21.34 14.90
N PRO B 253 -20.97 -22.66 15.12
CA PRO B 253 -20.56 -23.14 16.44
C PRO B 253 -19.05 -23.03 16.57
N LEU B 254 -18.53 -23.10 17.79
CA LEU B 254 -17.08 -23.19 18.00
C LEU B 254 -16.61 -24.65 18.03
N LEU B 255 -15.51 -24.92 17.33
CA LEU B 255 -14.80 -26.17 17.50
C LEU B 255 -13.60 -25.93 18.43
N LEU B 256 -13.61 -26.55 19.61
CA LEU B 256 -12.52 -26.34 20.56
C LEU B 256 -11.73 -27.63 20.82
N GLN B 257 -10.41 -27.50 20.87
CA GLN B 257 -9.55 -28.67 20.93
C GLN B 257 -8.55 -28.59 22.08
N ALA B 258 -8.70 -29.51 23.03
CA ALA B 258 -7.70 -29.74 24.06
C ALA B 258 -6.63 -30.62 23.43
N PRO B 259 -5.42 -30.68 24.02
CA PRO B 259 -4.31 -31.42 23.42
C PRO B 259 -4.59 -32.89 23.06
N ASP B 260 -4.26 -33.27 21.83
CA ASP B 260 -4.33 -34.65 21.36
C ASP B 260 -5.71 -35.29 21.56
N GLU B 261 -6.75 -34.46 21.58
CA GLU B 261 -8.12 -34.93 21.54
C GLU B 261 -8.77 -34.35 20.30
N ALA B 262 -9.74 -35.07 19.75
CA ALA B 262 -10.57 -34.51 18.69
C ALA B 262 -11.20 -33.21 19.17
N PRO B 263 -11.45 -32.27 18.25
CA PRO B 263 -12.11 -31.04 18.69
C PRO B 263 -13.55 -31.31 19.13
N GLU B 264 -14.08 -30.48 20.02
CA GLU B 264 -15.49 -30.61 20.38
C GLU B 264 -16.29 -29.42 19.90
N LEU B 265 -17.58 -29.65 19.67
CA LEU B 265 -18.47 -28.63 19.15
C LEU B 265 -19.30 -27.99 20.27
N PHE B 266 -19.34 -26.65 20.28
CA PHE B 266 -20.13 -25.87 21.24
C PHE B 266 -20.87 -24.74 20.54
N VAL B 267 -22.20 -24.76 20.62
CA VAL B 267 -23.04 -23.70 20.08
C VAL B 267 -23.01 -22.53 21.06
N LEU B 268 -22.71 -21.34 20.55
CA LEU B 268 -22.77 -20.14 21.37
C LEU B 268 -24.21 -19.78 21.67
N PRO B 269 -24.51 -19.45 22.93
CA PRO B 269 -25.88 -19.06 23.29
C PRO B 269 -26.21 -17.74 22.63
N PRO B 270 -27.32 -17.70 21.87
CA PRO B 270 -27.70 -16.55 21.03
C PRO B 270 -27.64 -15.20 21.76
N GLU B 271 -27.91 -15.23 23.06
CA GLU B 271 -27.92 -14.02 23.88
C GLU B 271 -26.53 -13.45 24.08
N LEU B 272 -25.50 -14.24 23.82
CA LEU B 272 -24.12 -13.77 23.95
C LEU B 272 -23.69 -13.03 22.72
N VAL B 273 -24.29 -13.36 21.58
CA VAL B 273 -23.80 -12.85 20.30
C VAL B 273 -24.61 -11.66 19.84
N LEU B 274 -24.09 -10.46 20.12
CA LEU B 274 -24.74 -9.21 19.74
C LEU B 274 -24.58 -8.96 18.23
N GLU B 275 -25.69 -8.66 17.57
CA GLU B 275 -25.69 -8.41 16.15
C GLU B 275 -26.38 -7.09 15.87
N VAL B 276 -25.89 -6.36 14.88
CA VAL B 276 -26.54 -5.13 14.47
C VAL B 276 -27.14 -5.32 13.08
N PRO B 277 -28.47 -5.12 12.98
CA PRO B 277 -29.12 -5.07 11.66
C PRO B 277 -28.69 -3.80 10.95
N LEU B 278 -28.44 -3.90 9.64
CA LEU B 278 -27.93 -2.76 8.90
C LEU B 278 -29.05 -2.03 8.19
N GLU B 279 -29.16 -0.74 8.48
CA GLU B 279 -30.06 0.12 7.75
C GLU B 279 -29.32 1.40 7.36
N HIS B 280 -29.86 2.14 6.39
CA HIS B 280 -29.24 3.37 5.90
C HIS B 280 -30.01 4.56 6.47
N PRO B 281 -29.31 5.65 6.77
CA PRO B 281 -29.98 6.85 7.33
C PRO B 281 -30.98 7.55 6.38
N THR B 282 -30.86 7.40 5.07
CA THR B 282 -31.80 8.08 4.19
C THR B 282 -32.41 7.19 3.12
N LEU B 283 -31.70 6.13 2.75
CA LEU B 283 -32.21 5.18 1.75
C LEU B 283 -32.98 4.04 2.42
N GLU B 284 -34.30 4.19 2.47
CA GLU B 284 -35.18 3.29 3.19
C GLU B 284 -35.06 1.85 2.69
N TRP B 285 -34.83 1.68 1.39
CA TRP B 285 -34.73 0.35 0.83
C TRP B 285 -33.52 -0.43 1.34
N PHE B 286 -32.57 0.26 1.97
CA PHE B 286 -31.34 -0.42 2.36
C PHE B 286 -31.65 -1.41 3.47
N ALA B 287 -32.38 -0.93 4.48
CA ALA B 287 -32.74 -1.77 5.62
C ALA B 287 -33.32 -3.10 5.13
N ALA B 288 -34.08 -3.03 4.05
CA ALA B 288 -34.65 -4.21 3.41
C ALA B 288 -33.58 -5.26 3.22
N LEU B 289 -32.52 -4.91 2.49
CA LEU B 289 -31.45 -5.84 2.06
C LEU B 289 -31.14 -7.05 2.96
N GLY B 290 -31.62 -7.05 4.19
CA GLY B 290 -31.46 -8.20 5.07
C GLY B 290 -30.03 -8.39 5.52
N LEU B 291 -29.29 -7.30 5.54
CA LEU B 291 -27.90 -7.34 5.98
C LEU B 291 -27.79 -7.07 7.47
N ARG B 292 -26.80 -7.71 8.09
CA ARG B 292 -26.52 -7.57 9.50
C ARG B 292 -25.06 -7.90 9.74
N TRP B 293 -24.47 -7.38 10.81
CA TRP B 293 -23.17 -7.86 11.25
C TRP B 293 -23.08 -7.96 12.77
N TYR B 294 -22.19 -8.82 13.27
CA TYR B 294 -22.03 -8.96 14.71
C TYR B 294 -21.15 -7.85 15.27
N ALA B 295 -21.25 -7.65 16.57
CA ALA B 295 -20.63 -6.52 17.25
C ALA B 295 -19.13 -6.73 17.53
N LEU B 296 -18.75 -7.96 17.85
CA LEU B 296 -17.46 -8.26 18.45
C LEU B 296 -16.48 -8.86 17.46
N PRO B 297 -15.38 -8.13 17.18
CA PRO B 297 -14.34 -8.73 16.35
C PRO B 297 -13.41 -9.51 17.27
N ALA B 298 -13.56 -10.82 17.29
CA ALA B 298 -12.83 -11.66 18.26
C ALA B 298 -12.00 -12.71 17.55
N VAL B 299 -10.73 -12.39 17.34
CA VAL B 299 -9.82 -13.20 16.55
C VAL B 299 -9.17 -14.31 17.38
N SER B 300 -9.27 -15.55 16.88
CA SER B 300 -9.00 -16.70 17.71
C SER B 300 -8.03 -17.73 17.13
N ASN B 301 -7.38 -17.39 16.03
CA ASN B 301 -6.47 -18.34 15.37
C ASN B 301 -5.01 -17.88 15.34
N MET B 302 -4.72 -16.79 16.03
CA MET B 302 -3.33 -16.34 16.07
C MET B 302 -2.61 -16.90 17.28
N LEU B 303 -1.30 -17.02 17.14
CA LEU B 303 -0.42 -17.50 18.19
C LEU B 303 0.24 -16.30 18.86
N LEU B 304 0.15 -16.27 20.20
CA LEU B 304 0.70 -15.20 21.01
C LEU B 304 2.05 -15.68 21.56
N GLU B 305 3.12 -14.96 21.23
CA GLU B 305 4.47 -15.36 21.60
C GLU B 305 5.06 -14.39 22.61
N ILE B 306 5.42 -14.91 23.78
CA ILE B 306 6.02 -14.08 24.81
C ILE B 306 7.23 -14.79 25.35
N GLY B 307 8.38 -14.11 25.29
CA GLY B 307 9.61 -14.64 25.82
C GLY B 307 9.98 -16.04 25.34
N GLY B 308 9.55 -16.40 24.14
CA GLY B 308 9.88 -17.69 23.56
C GLY B 308 8.79 -18.71 23.81
N LEU B 309 7.85 -18.34 24.67
CA LEU B 309 6.74 -19.23 24.97
C LEU B 309 5.65 -18.95 23.97
N GLU B 310 4.91 -20.01 23.64
CA GLU B 310 3.90 -19.86 22.60
C GLU B 310 2.54 -20.29 23.10
N PHE B 311 1.58 -19.41 22.91
CA PHE B 311 0.22 -19.68 23.29
C PHE B 311 -0.61 -19.84 22.00
N SER B 312 -0.87 -21.09 21.64
CA SER B 312 -1.56 -21.43 20.40
C SER B 312 -3.04 -21.08 20.44
N ALA B 313 -3.56 -20.84 21.64
CA ALA B 313 -4.95 -20.42 21.79
C ALA B 313 -5.02 -19.23 22.74
N ALA B 314 -5.14 -18.04 22.16
CA ALA B 314 -5.24 -16.81 22.94
C ALA B 314 -6.13 -15.82 22.21
N PRO B 315 -7.45 -16.06 22.23
CA PRO B 315 -8.33 -15.18 21.46
C PRO B 315 -8.42 -13.81 22.08
N PHE B 316 -8.48 -12.79 21.21
CA PHE B 316 -8.52 -11.40 21.62
C PHE B 316 -9.60 -10.65 20.84
N SER B 317 -10.08 -9.55 21.40
CA SER B 317 -11.10 -8.80 20.72
C SER B 317 -11.00 -7.30 21.01
N GLY B 318 -11.46 -6.49 20.06
CA GLY B 318 -11.53 -5.07 20.27
C GLY B 318 -12.90 -4.61 19.87
N TRP B 319 -12.92 -3.64 18.97
CA TRP B 319 -14.15 -3.24 18.32
C TRP B 319 -13.78 -2.95 16.88
N TYR B 320 -14.78 -2.85 16.04
CA TYR B 320 -14.60 -2.74 14.62
C TYR B 320 -14.25 -1.34 14.18
N MET B 321 -13.43 -1.27 13.14
CA MET B 321 -13.37 -0.08 12.31
C MET B 321 -14.36 -0.32 11.18
N SER B 322 -15.18 0.68 10.86
CA SER B 322 -16.32 0.46 9.98
C SER B 322 -15.95 -0.11 8.59
N THR B 323 -14.76 0.23 8.08
CA THR B 323 -14.39 -0.30 6.75
C THR B 323 -14.20 -1.82 6.71
N GLU B 324 -13.95 -2.45 7.87
CA GLU B 324 -13.77 -3.91 7.87
C GLU B 324 -15.05 -4.58 7.44
N ILE B 325 -16.16 -4.06 7.95
CA ILE B 325 -17.49 -4.60 7.63
C ILE B 325 -18.04 -4.06 6.31
N GLY B 326 -18.05 -2.74 6.19
CA GLY B 326 -18.67 -2.07 5.05
C GLY B 326 -17.94 -2.22 3.74
N THR B 327 -16.61 -2.20 3.78
CA THR B 327 -15.83 -2.35 2.56
C THR B 327 -15.36 -3.78 2.34
N ARG B 328 -14.65 -4.36 3.30
CA ARG B 328 -14.06 -5.67 3.06
C ARG B 328 -15.09 -6.79 3.14
N ASN B 329 -15.75 -6.96 4.29
CA ASN B 329 -16.61 -8.13 4.48
C ASN B 329 -17.82 -8.12 3.56
N LEU B 330 -18.37 -6.96 3.29
CA LEU B 330 -19.56 -6.91 2.44
C LEU B 330 -19.28 -6.65 0.95
N CYS B 331 -18.17 -5.98 0.62
CA CYS B 331 -17.93 -5.62 -0.79
C CYS B 331 -16.85 -6.42 -1.53
N ASP B 332 -15.98 -7.12 -0.79
CA ASP B 332 -14.98 -7.97 -1.43
C ASP B 332 -15.67 -8.95 -2.38
N PRO B 333 -15.14 -9.06 -3.59
CA PRO B 333 -15.72 -9.97 -4.59
C PRO B 333 -15.78 -11.41 -4.07
N HIS B 334 -14.81 -11.79 -3.25
CA HIS B 334 -14.79 -13.13 -2.67
C HIS B 334 -15.43 -13.20 -1.27
N ARG B 335 -16.15 -12.15 -0.89
CA ARG B 335 -16.94 -12.16 0.34
C ARG B 335 -18.43 -12.05 -0.01
N TYR B 336 -19.20 -11.22 0.67
CA TYR B 336 -20.64 -11.14 0.36
C TYR B 336 -20.89 -10.45 -0.97
N ASN B 337 -19.94 -9.63 -1.40
CA ASN B 337 -19.95 -9.10 -2.76
C ASN B 337 -21.28 -8.39 -3.12
N ILE B 338 -21.70 -7.44 -2.29
CA ILE B 338 -23.01 -6.79 -2.47
C ILE B 338 -23.00 -5.48 -3.29
N LEU B 339 -21.84 -5.08 -3.83
CA LEU B 339 -21.71 -3.82 -4.54
C LEU B 339 -22.76 -3.63 -5.66
N GLU B 340 -22.96 -4.65 -6.48
CA GLU B 340 -23.87 -4.47 -7.61
C GLU B 340 -25.32 -4.39 -7.15
N ASP B 341 -25.65 -5.14 -6.10
CA ASP B 341 -26.98 -5.12 -5.51
C ASP B 341 -27.36 -3.71 -5.08
N VAL B 342 -26.54 -3.14 -4.20
CA VAL B 342 -26.74 -1.78 -3.74
C VAL B 342 -26.76 -0.79 -4.91
N ALA B 343 -25.83 -0.97 -5.85
CA ALA B 343 -25.71 -0.07 -6.99
C ALA B 343 -26.99 -0.08 -7.84
N VAL B 344 -27.61 -1.25 -7.97
CA VAL B 344 -28.82 -1.40 -8.76
C VAL B 344 -30.02 -0.76 -8.04
N CAS B 345 -30.04 -0.87 -6.71
CA CAS B 345 -31.06 -0.22 -5.91
CB CAS B 345 -31.03 -0.76 -4.48
C CAS B 345 -30.87 1.28 -5.91
O CAS B 345 -31.84 2.03 -5.80
SG CAS B 345 -31.22 -2.55 -4.32
AS CAS B 345 -33.49 -2.05 -3.56
CE1 CAS B 345 -33.79 -3.65 -2.41
CE2 CAS B 345 -34.31 -1.91 -5.38
N MET B 346 -29.63 1.72 -6.04
CA MET B 346 -29.31 3.14 -6.11
C MET B 346 -29.57 3.69 -7.52
N ASP B 347 -30.00 2.80 -8.42
CA ASP B 347 -30.29 3.14 -9.81
C ASP B 347 -29.06 3.74 -10.47
N LEU B 348 -27.91 3.09 -10.32
CA LEU B 348 -26.67 3.58 -10.92
C LEU B 348 -26.35 2.89 -12.26
N ASP B 349 -25.38 3.46 -12.98
CA ASP B 349 -24.94 2.92 -14.26
C ASP B 349 -23.91 1.80 -14.07
N THR B 350 -24.39 0.59 -13.88
CA THR B 350 -23.55 -0.61 -13.74
C THR B 350 -22.72 -0.92 -15.00
N ARG B 351 -23.16 -0.41 -16.14
CA ARG B 351 -22.61 -0.81 -17.43
C ARG B 351 -21.15 -0.37 -17.61
N THR B 352 -20.75 0.70 -16.93
CA THR B 352 -19.41 1.20 -17.12
C THR B 352 -18.73 1.54 -15.79
N THR B 353 -17.40 1.45 -15.77
CA THR B 353 -16.64 1.68 -14.56
C THR B 353 -16.44 3.17 -14.26
N SER B 354 -16.49 3.99 -15.30
CA SER B 354 -16.16 5.40 -15.16
C SER B 354 -17.32 6.22 -14.59
N SER B 355 -18.46 5.58 -14.36
CA SER B 355 -19.53 6.21 -13.59
C SER B 355 -19.27 6.09 -12.08
N LEU B 356 -18.22 5.34 -11.72
CA LEU B 356 -17.86 5.12 -10.30
C LEU B 356 -19.01 4.57 -9.47
N TRP B 357 -19.81 3.70 -10.09
CA TRP B 357 -20.93 3.06 -9.40
C TRP B 357 -20.45 2.27 -8.20
N LYS B 358 -19.29 1.64 -8.34
CA LYS B 358 -18.68 0.88 -7.25
C LYS B 358 -18.34 1.79 -6.06
N ASP B 359 -17.78 2.95 -6.39
CA ASP B 359 -17.30 3.92 -5.41
C ASP B 359 -18.49 4.51 -4.67
N LYS B 360 -19.54 4.84 -5.42
CA LYS B 360 -20.73 5.42 -4.84
C LYS B 360 -21.46 4.40 -3.96
N ALA B 361 -21.57 3.17 -4.45
CA ALA B 361 -22.23 2.14 -3.67
C ALA B 361 -21.50 1.87 -2.35
N ALA B 362 -20.18 1.73 -2.44
CA ALA B 362 -19.36 1.44 -1.26
C ALA B 362 -19.50 2.51 -0.17
N VAL B 363 -19.57 3.77 -0.58
CA VAL B 363 -19.72 4.88 0.38
C VAL B 363 -21.02 4.78 1.16
N GLU B 364 -22.12 4.48 0.47
CA GLU B 364 -23.39 4.30 1.17
C GLU B 364 -23.38 3.09 2.10
N ILE B 365 -22.70 2.02 1.71
CA ILE B 365 -22.64 0.82 2.56
C ILE B 365 -21.84 1.10 3.82
N ASN B 366 -20.74 1.83 3.71
CA ASN B 366 -19.95 2.18 4.88
C ASN B 366 -20.71 3.13 5.79
N LEU B 367 -21.49 4.02 5.19
CA LEU B 367 -22.30 4.94 5.98
C LEU B 367 -23.40 4.18 6.72
N ALA B 368 -23.97 3.17 6.07
CA ALA B 368 -25.03 2.37 6.68
C ALA B 368 -24.49 1.61 7.89
N VAL B 369 -23.23 1.19 7.81
CA VAL B 369 -22.60 0.45 8.91
C VAL B 369 -22.34 1.38 10.10
N LEU B 370 -21.83 2.57 9.81
CA LEU B 370 -21.64 3.60 10.83
C LEU B 370 -22.96 3.98 11.46
N HIS B 371 -23.95 4.29 10.62
CA HIS B 371 -25.28 4.65 11.10
C HIS B 371 -25.85 3.58 12.02
N SER B 372 -25.90 2.36 11.53
CA SER B 372 -26.54 1.27 12.25
C SER B 372 -25.89 0.99 13.60
N PHE B 373 -24.57 0.94 13.64
CA PHE B 373 -23.88 0.66 14.90
C PHE B 373 -24.16 1.79 15.90
N GLN B 374 -24.12 3.03 15.42
CA GLN B 374 -24.30 4.18 16.31
C GLN B 374 -25.73 4.22 16.81
N LEU B 375 -26.67 3.92 15.94
CA LEU B 375 -28.05 3.74 16.33
C LEU B 375 -28.20 2.71 17.45
N ALA B 376 -27.53 1.57 17.28
CA ALA B 376 -27.67 0.45 18.17
C ALA B 376 -26.83 0.59 19.43
N LYS B 377 -26.10 1.70 19.54
CA LYS B 377 -25.17 1.91 20.67
C LYS B 377 -24.11 0.79 20.78
N VAL B 378 -23.55 0.38 19.66
CA VAL B 378 -22.44 -0.58 19.64
C VAL B 378 -21.18 0.13 19.19
N THR B 379 -20.13 0.07 20.01
CA THR B 379 -18.89 0.77 19.74
C THR B 379 -18.35 0.50 18.33
N ILE B 380 -17.98 1.55 17.63
CA ILE B 380 -17.37 1.41 16.31
C ILE B 380 -16.58 2.68 16.00
N VAL B 381 -15.55 2.57 15.18
CA VAL B 381 -14.80 3.76 14.81
C VAL B 381 -14.68 3.84 13.28
N ASP B 382 -14.86 5.03 12.72
CA ASP B 382 -14.74 5.18 11.28
C ASP B 382 -13.28 5.32 10.93
N HIS B 383 -12.94 5.11 9.67
CA HIS B 383 -11.55 5.07 9.25
C HIS B 383 -10.86 6.42 9.31
N HIS B 384 -11.62 7.50 9.30
CA HIS B 384 -11.01 8.82 9.46
C HIS B 384 -10.59 8.98 10.92
N ALA B 385 -11.51 8.78 11.85
CA ALA B 385 -11.16 8.88 13.28
C ALA B 385 -9.99 7.92 13.62
N ALA B 386 -10.11 6.68 13.16
CA ALA B 386 -9.12 5.64 13.45
C ALA B 386 -7.69 5.98 12.98
N THR B 387 -7.54 6.45 11.74
CA THR B 387 -6.21 6.79 11.24
C THR B 387 -5.67 8.07 11.90
N VAL B 388 -6.57 9.01 12.23
CA VAL B 388 -6.19 10.18 13.01
C VAL B 388 -5.58 9.78 14.38
N SER B 389 -6.24 8.87 15.08
CA SER B 389 -5.70 8.41 16.35
C SER B 389 -4.41 7.59 16.15
N PHE B 390 -4.23 6.99 14.98
CA PHE B 390 -3.02 6.23 14.77
C PHE B 390 -1.83 7.17 14.58
N MET B 391 -2.05 8.29 13.89
CA MET B 391 -1.03 9.34 13.79
C MET B 391 -0.58 9.78 15.19
N LYS B 392 -1.54 10.00 16.09
CA LYS B 392 -1.21 10.35 17.46
C LYS B 392 -0.39 9.21 18.11
N HIS B 393 -0.81 7.96 17.89
CA HIS B 393 -0.07 6.83 18.44
C HIS B 393 1.39 6.83 17.98
N LEU B 394 1.63 7.00 16.67
CA LEU B 394 2.98 7.13 16.12
C LEU B 394 3.80 8.16 16.88
N ASP B 395 3.19 9.32 17.16
CA ASP B 395 3.90 10.39 17.86
C ASP B 395 4.24 10.02 19.30
N ASN B 396 3.30 9.36 19.98
CA ASN B 396 3.54 8.87 21.34
C ASN B 396 4.68 7.84 21.36
N GLU B 397 4.69 7.01 20.32
CA GLU B 397 5.62 5.91 20.20
C GLU B 397 7.01 6.39 19.85
N GLN B 398 7.07 7.40 18.99
CA GLN B 398 8.34 8.01 18.66
C GLN B 398 8.98 8.54 19.94
N LYS B 399 8.16 9.13 20.79
CA LYS B 399 8.63 9.69 22.06
C LYS B 399 9.04 8.62 23.06
N ALA B 400 8.25 7.54 23.13
CA ALA B 400 8.45 6.52 24.15
C ALA B 400 9.52 5.48 23.78
N ARG B 401 9.60 5.10 22.50
CA ARG B 401 10.47 4.00 22.07
C ARG B 401 11.42 4.35 20.93
N GLY B 402 11.22 5.53 20.33
CA GLY B 402 12.03 5.93 19.19
C GLY B 402 11.53 5.32 17.88
N GLY B 403 10.26 4.92 17.85
CA GLY B 403 9.69 4.38 16.64
C GLY B 403 8.43 3.57 16.89
N CYS B 404 7.85 3.07 15.80
CA CYS B 404 6.67 2.23 15.85
C CYS B 404 6.57 1.39 14.60
N PRO B 405 6.62 0.05 14.76
CA PRO B 405 6.54 -0.81 13.58
C PRO B 405 5.11 -0.78 12.99
N ALA B 406 5.03 -0.51 11.70
CA ALA B 406 3.76 -0.32 11.04
C ALA B 406 3.81 -0.79 9.58
N ASP B 407 2.77 -1.52 9.22
CA ASP B 407 2.61 -2.05 7.89
C ASP B 407 1.67 -1.13 7.11
N TRP B 408 2.26 -0.27 6.30
CA TRP B 408 1.54 0.78 5.59
C TRP B 408 0.32 0.26 4.79
N ALA B 409 0.46 -0.89 4.15
CA ALA B 409 -0.61 -1.43 3.31
C ALA B 409 -1.81 -1.88 4.15
N TRP B 410 -1.56 -2.21 5.41
CA TRP B 410 -2.64 -2.60 6.32
C TRP B 410 -3.18 -1.44 7.13
N ILE B 411 -2.33 -0.46 7.42
CA ILE B 411 -2.76 0.72 8.18
C ILE B 411 -3.67 1.62 7.34
N VAL B 412 -3.32 1.82 6.07
CA VAL B 412 -4.16 2.59 5.15
C VAL B 412 -5.45 1.85 4.83
N PRO B 413 -6.61 2.49 5.07
CA PRO B 413 -7.91 1.83 4.93
C PRO B 413 -8.21 1.49 3.45
N PRO B 414 -9.13 0.53 3.22
CA PRO B 414 -9.42 -0.02 1.89
C PRO B 414 -10.30 0.89 1.01
N ILE B 415 -10.89 1.94 1.57
CA ILE B 415 -11.44 3.03 0.77
C ILE B 415 -10.83 4.33 1.27
N SER B 416 -10.86 5.35 0.41
CA SER B 416 -10.46 6.70 0.79
C SER B 416 -9.04 6.82 1.29
N GLY B 417 -8.16 5.99 0.75
CA GLY B 417 -6.75 5.99 1.11
C GLY B 417 -6.08 7.34 1.37
N SER B 418 -5.87 8.12 0.33
CA SER B 418 -5.11 9.37 0.48
C SER B 418 -5.90 10.48 1.17
N LEU B 419 -7.18 10.25 1.44
CA LEU B 419 -7.99 11.15 2.25
C LEU B 419 -7.69 11.01 3.74
N THR B 420 -6.94 9.98 4.11
CA THR B 420 -6.56 9.80 5.51
C THR B 420 -5.09 10.20 5.70
N PRO B 421 -4.73 10.65 6.92
CA PRO B 421 -3.36 11.13 7.11
C PRO B 421 -2.28 10.03 7.06
N VAL B 422 -2.64 8.78 7.37
CA VAL B 422 -1.63 7.71 7.37
C VAL B 422 -1.10 7.44 5.96
N PHE B 423 -1.88 7.74 4.91
CA PHE B 423 -1.45 7.53 3.53
C PHE B 423 -0.13 8.25 3.26
N HIS B 424 -0.02 9.45 3.83
CA HIS B 424 1.06 10.39 3.55
C HIS B 424 2.22 10.23 4.51
N GLN B 425 2.10 9.23 5.39
CA GLN B 425 3.10 8.93 6.41
C GLN B 425 3.94 7.69 6.04
N GLU B 426 5.23 7.88 5.78
CA GLU B 426 6.16 6.75 5.63
C GLU B 426 6.23 5.96 6.93
N MET B 427 6.41 4.65 6.78
CA MET B 427 6.41 3.74 7.90
C MET B 427 7.51 2.69 7.73
N VAL B 428 8.01 2.19 8.84
CA VAL B 428 9.01 1.12 8.84
C VAL B 428 8.34 -0.11 9.41
N ASN B 429 8.46 -1.23 8.72
CA ASN B 429 7.86 -2.46 9.19
C ASN B 429 8.90 -3.47 9.63
N TYR B 430 8.70 -4.00 10.84
CA TYR B 430 9.62 -4.95 11.42
C TYR B 430 8.93 -5.72 12.55
N ILE B 431 9.56 -6.79 12.99
CA ILE B 431 8.96 -7.70 13.97
C ILE B 431 9.60 -7.53 15.32
N LEU B 432 8.83 -7.06 16.29
CA LEU B 432 9.25 -7.00 17.69
C LEU B 432 8.55 -8.10 18.47
N SER B 433 9.22 -8.63 19.49
CA SER B 433 8.57 -9.59 20.37
C SER B 433 8.41 -8.97 21.75
N PRO B 434 7.31 -9.28 22.46
CA PRO B 434 6.19 -10.18 22.16
C PRO B 434 5.43 -9.84 20.87
N ALA B 435 4.92 -10.88 20.22
CA ALA B 435 4.30 -10.76 18.91
C ALA B 435 3.05 -11.62 18.79
N PHE B 436 2.06 -11.15 18.03
CA PHE B 436 1.00 -12.05 17.55
C PHE B 436 1.45 -12.62 16.21
N ARG B 437 1.39 -13.93 16.08
CA ARG B 437 1.89 -14.59 14.88
C ARG B 437 0.80 -15.40 14.19
N TYR B 438 1.02 -15.71 12.93
CA TYR B 438 0.17 -16.69 12.27
C TYR B 438 0.68 -18.09 12.58
N GLN B 439 -0.22 -19.07 12.48
CA GLN B 439 0.12 -20.46 12.75
C GLN B 439 -0.78 -21.32 11.87
N PRO B 440 -0.32 -22.53 11.53
CA PRO B 440 -1.08 -23.36 10.58
C PRO B 440 -2.44 -23.76 11.13
N ASP B 441 -3.42 -23.92 10.26
CA ASP B 441 -4.71 -24.44 10.68
C ASP B 441 -4.52 -25.86 11.24
N PRO B 442 -5.18 -26.15 12.37
CA PRO B 442 -4.89 -27.39 13.12
C PRO B 442 -5.38 -28.68 12.46
N TRP B 443 -5.85 -28.60 11.22
CA TRP B 443 -6.43 -29.77 10.56
C TRP B 443 -5.72 -30.14 9.26
CHA HEM C . 3.91 6.14 -12.61
CHB HEM C . -0.24 5.69 -15.08
CHC HEM C . 2.42 5.84 -19.12
CHD HEM C . 6.60 5.64 -16.68
C1A HEM C . 2.57 6.16 -12.93
C2A HEM C . 1.46 6.45 -12.04
C3A HEM C . 0.32 6.32 -12.72
C4A HEM C . 0.65 5.95 -14.07
CMA HEM C . -1.12 6.53 -12.21
CAA HEM C . 1.62 6.85 -10.55
CBA HEM C . 2.25 8.24 -10.48
CGA HEM C . 2.01 8.97 -9.16
O1A HEM C . 1.15 8.54 -8.34
O2A HEM C . 2.69 10.02 -8.95
C1B HEM C . 0.13 5.69 -16.39
C2B HEM C . -0.78 5.67 -17.52
C3B HEM C . -0.06 5.69 -18.64
C4B HEM C . 1.34 5.75 -18.26
CMB HEM C . -2.30 5.59 -17.42
CAB HEM C . -0.69 5.67 -20.06
CBB HEM C . -0.01 5.17 -21.10
C1C HEM C . 3.76 5.88 -18.81
C2C HEM C . 4.84 6.11 -19.75
C3C HEM C . 6.00 6.07 -19.05
C4C HEM C . 5.68 5.79 -17.68
CMC HEM C . 4.65 6.37 -21.25
CAC HEM C . 7.47 6.19 -19.54
CBC HEM C . 7.83 5.83 -20.77
C1D HEM C . 6.29 5.73 -15.33
C2D HEM C . 7.25 5.72 -14.24
C3D HEM C . 6.41 5.85 -12.98
C4D HEM C . 5.01 5.96 -13.43
CMD HEM C . 8.78 5.57 -14.34
CAD HEM C . 6.94 5.89 -11.55
CBD HEM C . 6.51 7.25 -10.98
CGD HEM C . 7.62 7.73 -10.12
O1D HEM C . 8.50 6.88 -9.77
O2D HEM C . 7.64 8.92 -9.78
NA HEM C . 2.03 5.84 -14.17
NB HEM C . 1.42 5.73 -16.86
NC HEM C . 4.31 5.70 -17.56
ND HEM C . 4.99 5.87 -14.82
FE HEM C . 3.19 5.46 -15.81
N1 H4B D . 1.07 5.88 -4.65
C2 H4B D . 1.09 6.59 -5.80
N2 H4B D . 0.59 6.06 -6.96
N3 H4B D . 1.62 7.85 -5.82
C4 H4B D . 2.12 8.40 -4.69
O4 H4B D . 2.61 9.56 -4.74
C4A H4B D . 2.12 7.66 -3.51
C8A H4B D . 1.57 6.39 -3.50
N5 H4B D . 2.60 8.17 -2.37
N8 H4B D . 1.55 5.66 -2.36
C6 H4B D . 3.01 7.27 -1.30
C7 H4B D . 1.98 6.18 -1.06
C9 H4B D . 3.34 8.02 0.01
O9 H4B D . 2.24 8.81 0.48
C10 H4B D . 3.74 7.00 1.08
C11 H4B D . 4.21 7.67 2.37
O10 H4B D . 4.80 6.19 0.55
N28 9PM E . 10.70 13.57 -3.88
C27 9PM E . 9.95 13.00 -4.57
C24 9PM E . 9.03 12.47 -5.30
C23 9PM E . 7.83 13.16 -5.53
CL2 9PM E . 7.56 14.75 -4.74
C22 9PM E . 6.87 12.61 -6.36
C25 9PM E . 9.27 11.24 -5.92
C26 9PM E . 8.29 10.71 -6.75
C21 9PM E . 7.09 11.38 -6.98
C14 9PM E . 6.03 10.77 -7.88
C13 9PM E . 5.86 11.51 -9.21
N12 9PM E . 5.22 10.58 -10.16
C11 9PM E . 4.80 11.36 -11.31
C08 9PM E . 4.43 10.58 -12.54
C09 9PM E . 3.11 10.57 -12.98
C07 9PM E . 5.39 9.89 -13.28
C06 9PM E . 5.03 9.22 -14.45
C05 9PM E . 3.71 9.22 -14.88
C04 9PM E . 3.33 8.55 -16.04
C03 9PM E . 2.00 8.57 -16.44
C02 9PM E . 1.06 9.24 -15.66
N02 9PM E . -0.25 9.27 -16.01
N01 9PM E . 1.44 9.88 -14.54
C10 9PM E . 2.74 9.88 -14.14
C1 GOL F . 4.09 13.42 -2.97
O1 GOL F . 4.79 12.69 -3.96
C2 GOL F . 3.58 12.40 -1.96
O2 GOL F . 3.14 11.26 -2.67
C3 GOL F . 2.46 13.02 -1.12
O3 GOL F . 1.98 12.12 -0.12
CL CL G . -4.57 2.09 -19.66
CHA HEM H . -5.31 -5.75 12.83
CHB HEM H . -8.27 -2.21 14.33
CHC HEM H . -8.02 -3.85 18.90
CHD HEM H . -4.46 -6.87 17.53
C1A HEM H . -6.25 -4.74 12.83
C2A HEM H . -6.93 -4.19 11.66
C3A HEM H . -7.76 -3.22 12.09
C4A HEM H . -7.61 -3.11 13.52
CMA HEM H . -8.70 -2.36 11.22
CAA HEM H . -6.77 -4.71 10.22
CBA HEM H . -7.38 -6.11 10.22
CGA HEM H . -7.78 -6.63 8.88
O1A HEM H . -7.95 -5.82 7.94
O2A HEM H . -7.96 -7.87 8.73
C1B HEM H . -8.50 -2.35 15.68
C2B HEM H . -9.41 -1.56 16.48
C3B HEM H . -9.35 -1.98 17.75
C4B HEM H . -8.40 -3.10 17.80
CMB HEM H . -10.28 -0.40 15.95
CAB HEM H . -10.19 -1.38 18.89
CBB HEM H . -9.84 -1.52 20.18
C1C HEM H . -7.05 -4.84 18.94
C2C HEM H . -6.68 -5.67 20.08
C3C HEM H . -5.72 -6.51 19.68
C4C HEM H . -5.43 -6.24 18.28
CMC HEM H . -7.36 -5.56 21.48
CAC HEM H . -4.93 -7.59 20.48
CBC HEM H . -4.93 -7.65 21.81
C1D HEM H . -4.35 -6.89 16.14
C2D HEM H . -3.45 -7.73 15.39
C3D HEM H . -3.71 -7.38 13.93
C4D HEM H . -4.75 -6.36 13.94
CMD HEM H . -2.44 -8.77 15.92
CAD HEM H . -3.03 -8.03 12.71
CBD HEM H . -4.19 -8.71 11.99
CGD HEM H . -3.76 -9.94 11.29
O1D HEM H . -2.52 -10.08 11.07
O2D HEM H . -4.64 -10.76 10.94
NA HEM H . -6.68 -4.04 13.93
NB HEM H . -7.89 -3.27 16.51
NC HEM H . -6.26 -5.21 17.87
ND HEM H . -5.08 -6.10 15.26
FE HEM H . -6.27 -4.48 15.93
N1 H4B I . -5.07 -4.30 4.80
C2 H4B I . -5.94 -4.71 5.75
N2 H4B I . -6.30 -3.87 6.75
N3 H4B I . -6.46 -5.97 5.72
C4 H4B I . -6.12 -6.82 4.73
O4 H4B I . -6.60 -7.97 4.70
C4A H4B I . -5.23 -6.41 3.75
C8A H4B I . -4.71 -5.13 3.79
N5 H4B I . -4.87 -7.24 2.76
N8 H4B I . -3.83 -4.72 2.84
C6 H4B I . -3.63 -7.01 2.06
C7 H4B I . -3.46 -5.53 1.70
C9 H4B I . -3.54 -7.93 0.83
O9 H4B I . -4.80 -7.99 0.15
C10 H4B I . -2.45 -7.46 -0.12
C11 H4B I . -2.30 -8.44 -1.28
O10 H4B I . -1.23 -7.38 0.61
N28 9PM J . -4.58 -16.78 5.42
C27 9PM J . -4.88 -15.75 5.87
C24 9PM J . -5.23 -14.65 6.41
C23 9PM J . -6.42 -14.07 6.00
CL2 9PM J . -7.48 -14.84 4.76
C22 9PM J . -6.83 -12.85 6.56
C25 9PM J . -4.42 -14.03 7.39
C26 9PM J . -4.84 -12.81 7.92
C21 9PM J . -6.03 -12.23 7.51
C14 9PM J . -6.46 -10.92 8.13
C13 9PM J . -7.36 -11.25 9.31
N12 9PM J . -7.22 -10.18 10.33
C11 9PM J . -8.51 -10.11 11.04
C08 9PM J . -8.44 -9.23 12.26
C09 9PM J . -9.38 -8.21 12.41
C07 9PM J . -7.46 -9.40 13.24
C06 9PM J . -7.44 -8.58 14.37
C05 9PM J . -8.39 -7.57 14.52
C04 9PM J . -8.39 -6.74 15.63
C03 9PM J . -9.36 -5.75 15.74
C02 9PM J . -10.30 -5.59 14.73
N02 9PM J . -11.25 -4.63 14.81
N01 9PM J . -10.28 -6.41 13.65
C10 9PM J . -9.37 -7.38 13.54
C1 GOL K . -6.00 -11.27 3.51
O1 GOL K . -5.08 -10.20 3.66
C2 GOL K . -6.98 -10.95 2.38
O2 GOL K . -7.28 -9.58 2.37
C3 GOL K . -8.27 -11.73 2.59
O3 GOL K . -8.99 -11.63 1.39
ZN ZN L . 9.96 -4.61 1.81
CL CL M . -9.91 3.55 18.09
#